data_297D
# 
_entry.id   297D 
# 
_audit_conform.dict_name       mmcif_pdbx.dic 
_audit_conform.dict_version    5.387 
_audit_conform.dict_location   http://mmcif.pdb.org/dictionaries/ascii/mmcif_pdbx.dic 
# 
loop_
_database_2.database_id 
_database_2.database_code 
_database_2.pdbx_database_accession 
_database_2.pdbx_DOI 
PDB   297D         pdb_0000297d 10.2210/pdb297d/pdb 
RCSB  BDLB82       ?            ?                   
WWPDB D_1000177710 ?            ?                   
# 
loop_
_pdbx_audit_revision_history.ordinal 
_pdbx_audit_revision_history.data_content_type 
_pdbx_audit_revision_history.major_revision 
_pdbx_audit_revision_history.minor_revision 
_pdbx_audit_revision_history.revision_date 
1 'Structure model' 1 0 1997-02-19 
2 'Structure model' 1 1 2008-05-22 
3 'Structure model' 1 2 2011-07-13 
4 'Structure model' 1 3 2024-02-14 
# 
_pdbx_audit_revision_details.ordinal             1 
_pdbx_audit_revision_details.revision_ordinal    1 
_pdbx_audit_revision_details.data_content_type   'Structure model' 
_pdbx_audit_revision_details.provider            repository 
_pdbx_audit_revision_details.type                'Initial release' 
_pdbx_audit_revision_details.description         ? 
_pdbx_audit_revision_details.details             ? 
# 
loop_
_pdbx_audit_revision_group.ordinal 
_pdbx_audit_revision_group.revision_ordinal 
_pdbx_audit_revision_group.data_content_type 
_pdbx_audit_revision_group.group 
1 2 'Structure model' 'Version format compliance' 
2 3 'Structure model' 'Version format compliance' 
3 4 'Structure model' 'Data collection'           
4 4 'Structure model' 'Database references'       
5 4 'Structure model' 'Derived calculations'      
# 
loop_
_pdbx_audit_revision_category.ordinal 
_pdbx_audit_revision_category.revision_ordinal 
_pdbx_audit_revision_category.data_content_type 
_pdbx_audit_revision_category.category 
1 4 'Structure model' chem_comp_atom 
2 4 'Structure model' chem_comp_bond 
3 4 'Structure model' database_2     
4 4 'Structure model' struct_conn    
# 
loop_
_pdbx_audit_revision_item.ordinal 
_pdbx_audit_revision_item.revision_ordinal 
_pdbx_audit_revision_item.data_content_type 
_pdbx_audit_revision_item.item 
1 4 'Structure model' '_database_2.pdbx_DOI'                
2 4 'Structure model' '_database_2.pdbx_database_accession' 
3 4 'Structure model' '_struct_conn.pdbx_leaving_atom_flag' 
# 
_pdbx_database_status.status_code                     REL 
_pdbx_database_status.entry_id                        297D 
_pdbx_database_status.recvd_initial_deposition_date   1996-11-19 
_pdbx_database_status.deposit_site                    NDB 
_pdbx_database_status.process_site                    NDB 
_pdbx_database_status.status_code_sf                  REL 
_pdbx_database_status.status_code_mr                  ? 
_pdbx_database_status.SG_entry                        ? 
_pdbx_database_status.pdb_format_compatible           Y 
_pdbx_database_status.status_code_cs                  ? 
_pdbx_database_status.status_code_nmr_data            ? 
_pdbx_database_status.methods_development_category    ? 
# 
loop_
_audit_author.name 
_audit_author.pdbx_ordinal 
'Arbuckle, N.D.' 1 
'Luisi, B.F.'    2 
# 
_citation.id                        primary 
_citation.title                     
'X-ray and solution studies of DNA oligomers and implications for the structural basis of A-tract-dependent curvature.' 
_citation.journal_abbrev            J.Mol.Biol. 
_citation.journal_volume            267 
_citation.page_first                595 
_citation.page_last                 623 
_citation.year                      1997 
_citation.journal_id_ASTM           JMOBAK 
_citation.country                   UK 
_citation.journal_id_ISSN           0022-2836 
_citation.journal_id_CSD            0070 
_citation.book_publisher            ? 
_citation.pdbx_database_id_PubMed   9126841 
_citation.pdbx_database_id_DOI      10.1006/jmbi.1996.0878 
# 
loop_
_citation_author.citation_id 
_citation_author.name 
_citation_author.ordinal 
_citation_author.identifier_ORCID 
primary 'Shatzky-Schwartz, M.' 1 ? 
primary 'Arbuckle, N.D.'       2 ? 
primary 'Eisenstein, M.'       3 ? 
primary 'Rabinovich, D.'       4 ? 
primary 'Bareket-Samish, A.'   5 ? 
primary 'Haran, T.E.'          6 ? 
primary 'Luisi, B.F.'          7 ? 
primary 'Shakked, Z.'          8 ? 
# 
loop_
_entity.id 
_entity.type 
_entity.src_method 
_entity.pdbx_description 
_entity.formula_weight 
_entity.pdbx_number_of_molecules 
_entity.pdbx_ec 
_entity.pdbx_mutation 
_entity.pdbx_fragment 
_entity.details 
1 polymer syn 
;DNA (5'-D(*CP*GP*CP*AP*IP*AP*TP*(5CM)P*TP*GP*CP*G)-3')
;
3662.405 2  ? ? ? ? 
2 water   nat water                                                    18.015   93 ? ? ? ? 
# 
_entity_poly.entity_id                      1 
_entity_poly.type                           polydeoxyribonucleotide 
_entity_poly.nstd_linkage                   no 
_entity_poly.nstd_monomer                   yes 
_entity_poly.pdbx_seq_one_letter_code       '(DC)(DG)(DC)(DA)(DI)(DA)(DT)(5CM)(DT)(DG)(DC)(DG)' 
_entity_poly.pdbx_seq_one_letter_code_can   CGCAIATCTGCG 
_entity_poly.pdbx_strand_id                 A,B 
_entity_poly.pdbx_target_identifier         ? 
# 
_pdbx_entity_nonpoly.entity_id   2 
_pdbx_entity_nonpoly.name        water 
_pdbx_entity_nonpoly.comp_id     HOH 
# 
loop_
_entity_poly_seq.entity_id 
_entity_poly_seq.num 
_entity_poly_seq.mon_id 
_entity_poly_seq.hetero 
1 1  DC  n 
1 2  DG  n 
1 3  DC  n 
1 4  DA  n 
1 5  DI  n 
1 6  DA  n 
1 7  DT  n 
1 8  5CM n 
1 9  DT  n 
1 10 DG  n 
1 11 DC  n 
1 12 DG  n 
# 
loop_
_chem_comp.id 
_chem_comp.type 
_chem_comp.mon_nstd_flag 
_chem_comp.name 
_chem_comp.pdbx_synonyms 
_chem_comp.formula 
_chem_comp.formula_weight 
5CM 'DNA linking' n "5-METHYL-2'-DEOXY-CYTIDINE-5'-MONOPHOSPHATE" ? 'C10 H16 N3 O7 P' 321.224 
DA  'DNA linking' y "2'-DEOXYADENOSINE-5'-MONOPHOSPHATE"          ? 'C10 H14 N5 O6 P' 331.222 
DC  'DNA linking' y "2'-DEOXYCYTIDINE-5'-MONOPHOSPHATE"           ? 'C9 H14 N3 O7 P'  307.197 
DG  'DNA linking' y "2'-DEOXYGUANOSINE-5'-MONOPHOSPHATE"          ? 'C10 H14 N5 O7 P' 347.221 
DI  'DNA linking' y "2'-DEOXYINOSINE-5'-MONOPHOSPHATE"            ? 'C10 H13 N4 O7 P' 332.207 
DT  'DNA linking' y "THYMIDINE-5'-MONOPHOSPHATE"                  ? 'C10 H15 N2 O8 P' 322.208 
HOH non-polymer   . WATER                                         ? 'H2 O'            18.015  
# 
loop_
_pdbx_poly_seq_scheme.asym_id 
_pdbx_poly_seq_scheme.entity_id 
_pdbx_poly_seq_scheme.seq_id 
_pdbx_poly_seq_scheme.mon_id 
_pdbx_poly_seq_scheme.ndb_seq_num 
_pdbx_poly_seq_scheme.pdb_seq_num 
_pdbx_poly_seq_scheme.auth_seq_num 
_pdbx_poly_seq_scheme.pdb_mon_id 
_pdbx_poly_seq_scheme.auth_mon_id 
_pdbx_poly_seq_scheme.pdb_strand_id 
_pdbx_poly_seq_scheme.pdb_ins_code 
_pdbx_poly_seq_scheme.hetero 
A 1 1  DC  1  1  1  DC  C  A . n 
A 1 2  DG  2  2  2  DG  G  A . n 
A 1 3  DC  3  3  3  DC  C  A . n 
A 1 4  DA  4  4  4  DA  A  A . n 
A 1 5  DI  5  5  5  DI  I  A . n 
A 1 6  DA  6  6  6  DA  A  A . n 
A 1 7  DT  7  7  7  DT  T  A . n 
A 1 8  5CM 8  8  8  5CM +C A . n 
A 1 9  DT  9  9  9  DT  T  A . n 
A 1 10 DG  10 10 10 DG  G  A . n 
A 1 11 DC  11 11 11 DC  C  A . n 
A 1 12 DG  12 12 12 DG  G  A . n 
B 1 1  DC  1  13 13 DC  C  B . n 
B 1 2  DG  2  14 14 DG  G  B . n 
B 1 3  DC  3  15 15 DC  C  B . n 
B 1 4  DA  4  16 16 DA  A  B . n 
B 1 5  DI  5  17 17 DI  I  B . n 
B 1 6  DA  6  18 18 DA  A  B . n 
B 1 7  DT  7  19 19 DT  T  B . n 
B 1 8  5CM 8  20 20 5CM +C B . n 
B 1 9  DT  9  21 21 DT  T  B . n 
B 1 10 DG  10 22 22 DG  G  B . n 
B 1 11 DC  11 23 23 DC  C  B . n 
B 1 12 DG  12 24 24 DG  G  B . n 
# 
loop_
_pdbx_nonpoly_scheme.asym_id 
_pdbx_nonpoly_scheme.entity_id 
_pdbx_nonpoly_scheme.mon_id 
_pdbx_nonpoly_scheme.ndb_seq_num 
_pdbx_nonpoly_scheme.pdb_seq_num 
_pdbx_nonpoly_scheme.auth_seq_num 
_pdbx_nonpoly_scheme.pdb_mon_id 
_pdbx_nonpoly_scheme.auth_mon_id 
_pdbx_nonpoly_scheme.pdb_strand_id 
_pdbx_nonpoly_scheme.pdb_ins_code 
C 2 HOH 1  26  26  HOH HOH A . 
C 2 HOH 2  31  31  HOH HOH A . 
C 2 HOH 3  33  33  HOH HOH A . 
C 2 HOH 4  34  34  HOH HOH A . 
C 2 HOH 5  36  36  HOH HOH A . 
C 2 HOH 6  38  38  HOH HOH A . 
C 2 HOH 7  40  40  HOH HOH A . 
C 2 HOH 8  45  45  HOH HOH A . 
C 2 HOH 9  50  50  HOH HOH A . 
C 2 HOH 10 52  52  HOH HOH A . 
C 2 HOH 11 58  58  HOH HOH A . 
C 2 HOH 12 59  59  HOH HOH A . 
C 2 HOH 13 61  61  HOH HOH A . 
C 2 HOH 14 64  64  HOH HOH A . 
C 2 HOH 15 65  65  HOH HOH A . 
C 2 HOH 16 66  66  HOH HOH A . 
C 2 HOH 17 68  68  HOH HOH A . 
C 2 HOH 18 69  69  HOH HOH A . 
C 2 HOH 19 70  70  HOH HOH A . 
C 2 HOH 20 72  72  HOH HOH A . 
C 2 HOH 21 74  74  HOH HOH A . 
C 2 HOH 22 75  75  HOH HOH A . 
C 2 HOH 23 76  76  HOH HOH A . 
C 2 HOH 24 77  77  HOH HOH A . 
C 2 HOH 25 79  79  HOH HOH A . 
C 2 HOH 26 81  81  HOH HOH A . 
C 2 HOH 27 86  86  HOH HOH A . 
C 2 HOH 28 89  89  HOH HOH A . 
C 2 HOH 29 96  96  HOH HOH A . 
C 2 HOH 30 97  97  HOH HOH A . 
C 2 HOH 31 100 100 HOH HOH A . 
C 2 HOH 32 106 106 HOH HOH A . 
C 2 HOH 33 107 107 HOH HOH A . 
C 2 HOH 34 108 108 HOH HOH A . 
C 2 HOH 35 109 109 HOH HOH A . 
C 2 HOH 36 110 110 HOH HOH A . 
C 2 HOH 37 111 111 HOH HOH A . 
C 2 HOH 38 112 112 HOH HOH A . 
C 2 HOH 39 113 113 HOH HOH A . 
C 2 HOH 40 114 114 HOH HOH A . 
C 2 HOH 41 115 115 HOH HOH A . 
C 2 HOH 42 117 117 HOH HOH A . 
D 2 HOH 1  25  25  HOH HOH B . 
D 2 HOH 2  27  27  HOH HOH B . 
D 2 HOH 3  28  28  HOH HOH B . 
D 2 HOH 4  29  29  HOH HOH B . 
D 2 HOH 5  30  30  HOH HOH B . 
D 2 HOH 6  32  32  HOH HOH B . 
D 2 HOH 7  35  35  HOH HOH B . 
D 2 HOH 8  37  37  HOH HOH B . 
D 2 HOH 9  39  39  HOH HOH B . 
D 2 HOH 10 41  41  HOH HOH B . 
D 2 HOH 11 42  42  HOH HOH B . 
D 2 HOH 12 43  43  HOH HOH B . 
D 2 HOH 13 44  44  HOH HOH B . 
D 2 HOH 14 46  46  HOH HOH B . 
D 2 HOH 15 47  47  HOH HOH B . 
D 2 HOH 16 48  48  HOH HOH B . 
D 2 HOH 17 49  49  HOH HOH B . 
D 2 HOH 18 51  51  HOH HOH B . 
D 2 HOH 19 53  53  HOH HOH B . 
D 2 HOH 20 54  54  HOH HOH B . 
D 2 HOH 21 55  55  HOH HOH B . 
D 2 HOH 22 56  56  HOH HOH B . 
D 2 HOH 23 57  57  HOH HOH B . 
D 2 HOH 24 60  60  HOH HOH B . 
D 2 HOH 25 62  62  HOH HOH B . 
D 2 HOH 26 63  63  HOH HOH B . 
D 2 HOH 27 67  67  HOH HOH B . 
D 2 HOH 28 71  71  HOH HOH B . 
D 2 HOH 29 73  73  HOH HOH B . 
D 2 HOH 30 78  78  HOH HOH B . 
D 2 HOH 31 80  80  HOH HOH B . 
D 2 HOH 32 82  82  HOH HOH B . 
D 2 HOH 33 83  83  HOH HOH B . 
D 2 HOH 34 84  84  HOH HOH B . 
D 2 HOH 35 85  85  HOH HOH B . 
D 2 HOH 36 87  87  HOH HOH B . 
D 2 HOH 37 88  88  HOH HOH B . 
D 2 HOH 38 90  90  HOH HOH B . 
D 2 HOH 39 91  91  HOH HOH B . 
D 2 HOH 40 92  92  HOH HOH B . 
D 2 HOH 41 93  93  HOH HOH B . 
D 2 HOH 42 94  94  HOH HOH B . 
D 2 HOH 43 95  95  HOH HOH B . 
D 2 HOH 44 98  98  HOH HOH B . 
D 2 HOH 45 99  99  HOH HOH B . 
D 2 HOH 46 101 101 HOH HOH B . 
D 2 HOH 47 102 102 HOH HOH B . 
D 2 HOH 48 103 103 HOH HOH B . 
D 2 HOH 49 104 104 HOH HOH B . 
D 2 HOH 50 105 105 HOH HOH B . 
D 2 HOH 51 116 116 HOH HOH B . 
# 
loop_
_software.name 
_software.classification 
_software.version 
_software.citation_id 
_software.pdbx_ordinal 
NUCLSQ refinement       . ? 1 
DENZO  'data reduction' . ? 2 
# 
_cell.entry_id           297D 
_cell.length_a           24.943 
_cell.length_b           40.544 
_cell.length_c           65.003 
_cell.angle_alpha        90.00 
_cell.angle_beta         90.00 
_cell.angle_gamma        90.00 
_cell.Z_PDB              8 
_cell.pdbx_unique_axis   ? 
# 
_symmetry.entry_id                         297D 
_symmetry.space_group_name_H-M             'P 21 21 21' 
_symmetry.pdbx_full_space_group_name_H-M   ? 
_symmetry.cell_setting                     ? 
_symmetry.Int_Tables_number                19 
# 
_exptl.entry_id          297D 
_exptl.method            'X-RAY DIFFRACTION' 
_exptl.crystals_number   1 
# 
_exptl_crystal.id                    1 
_exptl_crystal.density_meas          ? 
_exptl_crystal.density_Matthews      2.24 
_exptl_crystal.density_percent_sol   45.18 
_exptl_crystal.description           ? 
# 
_exptl_crystal_grow.crystal_id      1 
_exptl_crystal_grow.method          'VAPOR DIFFUSION, HANGING DROP' 
_exptl_crystal_grow.temp            277.00 
_exptl_crystal_grow.temp_details    ? 
_exptl_crystal_grow.pH              7.00 
_exptl_crystal_grow.pdbx_details    'pH 7.00, VAPOR DIFFUSION, HANGING DROP, temperature 277.00K' 
_exptl_crystal_grow.pdbx_pH_range   ? 
# 
loop_
_exptl_crystal_grow_comp.crystal_id 
_exptl_crystal_grow_comp.id 
_exptl_crystal_grow_comp.sol_id 
_exptl_crystal_grow_comp.name 
_exptl_crystal_grow_comp.volume 
_exptl_crystal_grow_comp.conc 
_exptl_crystal_grow_comp.details 
1 1 1 WATER           ? ? ? 
1 2 1 MPD             ? ? ? 
1 3 1 MGCL2           ? ? ? 
1 4 1 SPERMINE_HCL    ? ? ? 
1 5 1 'NA CACODYLATE' ? ? ? 
1 6 2 WATER           ? ? ? 
1 7 2 MPD             ? ? ? 
# 
_diffrn.id                     1 
_diffrn.ambient_temp           100.00 
_diffrn.ambient_temp_details   ? 
_diffrn.crystal_id             1 
# 
_diffrn_detector.diffrn_id              1 
_diffrn_detector.detector               'IMAGE PLATE' 
_diffrn_detector.type                   MARRESEARCH 
_diffrn_detector.pdbx_collection_date   1995-07-25 
_diffrn_detector.details                ? 
# 
_diffrn_radiation.diffrn_id                        1 
_diffrn_radiation.wavelength_id                    1 
_diffrn_radiation.pdbx_monochromatic_or_laue_m_l   M 
_diffrn_radiation.monochromator                    ? 
_diffrn_radiation.pdbx_diffrn_protocol             ? 
_diffrn_radiation.pdbx_scattering_type             x-ray 
# 
_diffrn_radiation_wavelength.id           1 
_diffrn_radiation_wavelength.wavelength   . 
_diffrn_radiation_wavelength.wt           1.0 
# 
_diffrn_source.diffrn_id                   1 
_diffrn_source.source                      SYNCHROTRON 
_diffrn_source.type                        'SRS BEAMLINE PX9.6' 
_diffrn_source.pdbx_synchrotron_site       SRS 
_diffrn_source.pdbx_synchrotron_beamline   PX9.6 
_diffrn_source.pdbx_wavelength             ? 
_diffrn_source.pdbx_wavelength_list        ? 
# 
_reflns.entry_id                     297D 
_reflns.observed_criterion_sigma_I   ? 
_reflns.observed_criterion_sigma_F   ? 
_reflns.d_resolution_low             ? 
_reflns.d_resolution_high            2.500 
_reflns.number_obs                   2427 
_reflns.number_all                   ? 
_reflns.percent_possible_obs         96.800 
_reflns.pdbx_Rmerge_I_obs            0.062 
_reflns.pdbx_Rsym_value              ? 
_reflns.pdbx_netI_over_sigmaI        ? 
_reflns.B_iso_Wilson_estimate        ? 
_reflns.pdbx_redundancy              5.700 
_reflns.pdbx_diffrn_id               1 
_reflns.pdbx_ordinal                 1 
# 
_refine.entry_id                                 297D 
_refine.ls_number_reflns_obs                     2298 
_refine.ls_number_reflns_all                     ? 
_refine.pdbx_ls_sigma_I                          ? 
_refine.pdbx_ls_sigma_F                          ? 
_refine.pdbx_data_cutoff_high_absF               ? 
_refine.pdbx_data_cutoff_low_absF                ? 
_refine.pdbx_data_cutoff_high_rms_absF           ? 
_refine.ls_d_res_low                             8.000 
_refine.ls_d_res_high                            2.500 
_refine.ls_percent_reflns_obs                    ? 
_refine.ls_R_factor_obs                          0.221 
_refine.ls_R_factor_all                          ? 
_refine.ls_R_factor_R_work                       ? 
_refine.ls_R_factor_R_free                       0.216 
_refine.ls_R_factor_R_free_error                 ? 
_refine.ls_R_factor_R_free_error_details         ? 
_refine.ls_percent_reflns_R_free                 ? 
_refine.ls_number_reflns_R_free                  ? 
_refine.ls_number_parameters                     ? 
_refine.ls_number_restraints                     ? 
_refine.occupancy_min                            ? 
_refine.occupancy_max                            ? 
_refine.B_iso_mean                               14.60 
_refine.aniso_B[1][1]                            ? 
_refine.aniso_B[2][2]                            ? 
_refine.aniso_B[3][3]                            ? 
_refine.aniso_B[1][2]                            ? 
_refine.aniso_B[1][3]                            ? 
_refine.aniso_B[2][3]                            ? 
_refine.solvent_model_details                    ? 
_refine.solvent_model_param_ksol                 ? 
_refine.solvent_model_param_bsol                 ? 
_refine.pdbx_ls_cross_valid_method               ? 
_refine.details                                  ? 
_refine.pdbx_starting_model                      ? 
_refine.pdbx_method_to_determine_struct          ? 
_refine.pdbx_isotropic_thermal_model             ? 
_refine.pdbx_stereochemistry_target_values       ? 
_refine.pdbx_stereochem_target_val_spec_case     ? 
_refine.pdbx_R_Free_selection_details            ? 
_refine.pdbx_overall_ESU_R                       ? 
_refine.pdbx_overall_ESU_R_Free                  ? 
_refine.overall_SU_ML                            ? 
_refine.overall_SU_B                             ? 
_refine.pdbx_refine_id                           'X-RAY DIFFRACTION' 
_refine.pdbx_diffrn_id                           1 
_refine.pdbx_TLS_residual_ADP_flag               ? 
_refine.correlation_coeff_Fo_to_Fc               ? 
_refine.correlation_coeff_Fo_to_Fc_free          ? 
_refine.pdbx_solvent_vdw_probe_radii             ? 
_refine.pdbx_solvent_ion_probe_radii             ? 
_refine.pdbx_solvent_shrinkage_radii             ? 
_refine.pdbx_overall_phase_error                 ? 
_refine.overall_SU_R_Cruickshank_DPI             ? 
_refine.pdbx_overall_SU_R_free_Cruickshank_DPI   ? 
_refine.pdbx_overall_SU_R_Blow_DPI               ? 
_refine.pdbx_overall_SU_R_free_Blow_DPI          ? 
# 
_refine_hist.pdbx_refine_id                   'X-RAY DIFFRACTION' 
_refine_hist.cycle_id                         LAST 
_refine_hist.pdbx_number_atoms_protein        0 
_refine_hist.pdbx_number_atoms_nucleic_acid   484 
_refine_hist.pdbx_number_atoms_ligand         2 
_refine_hist.number_atoms_solvent             93 
_refine_hist.number_atoms_total               579 
_refine_hist.d_res_high                       2.500 
_refine_hist.d_res_low                        8.000 
# 
loop_
_refine_ls_restr.type 
_refine_ls_restr.dev_ideal 
_refine_ls_restr.dev_ideal_target 
_refine_ls_restr.weight 
_refine_ls_restr.number 
_refine_ls_restr.pdbx_refine_id 
_refine_ls_restr.pdbx_restraint_function 
n_bond_d               0.008 0.020 ? ? 'X-RAY DIFFRACTION' ? 
n_angle_d              0.048 0.050 ? ? 'X-RAY DIFFRACTION' ? 
n_planar_d             ?     ?     ? ? 'X-RAY DIFFRACTION' ? 
n_hb_or_metal_coord    ?     ?     ? ? 'X-RAY DIFFRACTION' ? 
n_sugar_bond_it        ?     ?     ? ? 'X-RAY DIFFRACTION' ? 
n_sugar_angle_it       ?     ?     ? ? 'X-RAY DIFFRACTION' ? 
n_phos_bond_it         ?     ?     ? ? 'X-RAY DIFFRACTION' ? 
n_phos_angle_it        ?     ?     ? ? 'X-RAY DIFFRACTION' ? 
n_bond_angle_restr     ?     ?     ? ? 'X-RAY DIFFRACTION' ? 
n_dihedral_angle_restr ?     ?     ? ? 'X-RAY DIFFRACTION' ? 
n_impr_tor             ?     ?     ? ? 'X-RAY DIFFRACTION' ? 
n_sugar_bond_d         ?     ?     ? ? 'X-RAY DIFFRACTION' ? 
n_sugar_bond_angle_d   ?     ?     ? ? 'X-RAY DIFFRACTION' ? 
n_phos_bond_d          ?     ?     ? ? 'X-RAY DIFFRACTION' ? 
n_phos_bond_angle_d    ?     ?     ? ? 'X-RAY DIFFRACTION' ? 
n_plane_restr          0.015 0.030 ? ? 'X-RAY DIFFRACTION' ? 
n_chiral_restr         ?     0.100 ? ? 'X-RAY DIFFRACTION' ? 
n_singtor_nbd          ?     0.200 ? ? 'X-RAY DIFFRACTION' ? 
n_multtor_nbd          ?     0.200 ? ? 'X-RAY DIFFRACTION' ? 
n_xhyhbond_nbd         ?     ?     ? ? 'X-RAY DIFFRACTION' ? 
# 
_struct.entry_id                  297D 
_struct.title                     
'X-RAY AND SOLUTION STUDIES OF DNA OLIGOMERS AND IMPLICATIONS FOR THE STRUCTURAL BASIS OF A-TRACT-DEPENDENT CURVATURE' 
_struct.pdbx_model_details        ? 
_struct.pdbx_CASP_flag            ? 
_struct.pdbx_model_type_details   ? 
# 
_struct_keywords.entry_id        297D 
_struct_keywords.pdbx_keywords   DNA 
_struct_keywords.text            'B-DNA, DOUBLE HELIX, MODIFIED, DNA' 
# 
loop_
_struct_asym.id 
_struct_asym.pdbx_blank_PDB_chainid_flag 
_struct_asym.pdbx_modified 
_struct_asym.entity_id 
_struct_asym.details 
A N N 1 ? 
B N N 1 ? 
C N N 2 ? 
D N N 2 ? 
# 
_struct_ref.id                         1 
_struct_ref.entity_id                  1 
_struct_ref.db_name                    PDB 
_struct_ref.db_code                    297D 
_struct_ref.pdbx_db_accession          297D 
_struct_ref.pdbx_db_isoform            ? 
_struct_ref.pdbx_seq_one_letter_code   ? 
_struct_ref.pdbx_align_begin           ? 
# 
loop_
_struct_ref_seq.align_id 
_struct_ref_seq.ref_id 
_struct_ref_seq.pdbx_PDB_id_code 
_struct_ref_seq.pdbx_strand_id 
_struct_ref_seq.seq_align_beg 
_struct_ref_seq.pdbx_seq_align_beg_ins_code 
_struct_ref_seq.seq_align_end 
_struct_ref_seq.pdbx_seq_align_end_ins_code 
_struct_ref_seq.pdbx_db_accession 
_struct_ref_seq.db_align_beg 
_struct_ref_seq.pdbx_db_align_beg_ins_code 
_struct_ref_seq.db_align_end 
_struct_ref_seq.pdbx_db_align_end_ins_code 
_struct_ref_seq.pdbx_auth_seq_align_beg 
_struct_ref_seq.pdbx_auth_seq_align_end 
1 1 297D A 1 ? 12 ? 297D 1  ? 12 ? 1  12 
2 1 297D B 1 ? 12 ? 297D 13 ? 24 ? 13 24 
# 
_pdbx_struct_assembly.id                   1 
_pdbx_struct_assembly.details              author_defined_assembly 
_pdbx_struct_assembly.method_details       ? 
_pdbx_struct_assembly.oligomeric_details   dimeric 
_pdbx_struct_assembly.oligomeric_count     2 
# 
_pdbx_struct_assembly_gen.assembly_id       1 
_pdbx_struct_assembly_gen.oper_expression   1 
_pdbx_struct_assembly_gen.asym_id_list      A,B,C,D 
# 
_pdbx_struct_oper_list.id                   1 
_pdbx_struct_oper_list.type                 'identity operation' 
_pdbx_struct_oper_list.name                 1_555 
_pdbx_struct_oper_list.symmetry_operation   x,y,z 
_pdbx_struct_oper_list.matrix[1][1]         1.0000000000 
_pdbx_struct_oper_list.matrix[1][2]         0.0000000000 
_pdbx_struct_oper_list.matrix[1][3]         0.0000000000 
_pdbx_struct_oper_list.vector[1]            0.0000000000 
_pdbx_struct_oper_list.matrix[2][1]         0.0000000000 
_pdbx_struct_oper_list.matrix[2][2]         1.0000000000 
_pdbx_struct_oper_list.matrix[2][3]         0.0000000000 
_pdbx_struct_oper_list.vector[2]            0.0000000000 
_pdbx_struct_oper_list.matrix[3][1]         0.0000000000 
_pdbx_struct_oper_list.matrix[3][2]         0.0000000000 
_pdbx_struct_oper_list.matrix[3][3]         1.0000000000 
_pdbx_struct_oper_list.vector[3]            0.0000000000 
# 
_struct_biol.id   1 
# 
loop_
_struct_conn.id 
_struct_conn.conn_type_id 
_struct_conn.pdbx_leaving_atom_flag 
_struct_conn.pdbx_PDB_id 
_struct_conn.ptnr1_label_asym_id 
_struct_conn.ptnr1_label_comp_id 
_struct_conn.ptnr1_label_seq_id 
_struct_conn.ptnr1_label_atom_id 
_struct_conn.pdbx_ptnr1_label_alt_id 
_struct_conn.pdbx_ptnr1_PDB_ins_code 
_struct_conn.pdbx_ptnr1_standard_comp_id 
_struct_conn.ptnr1_symmetry 
_struct_conn.ptnr2_label_asym_id 
_struct_conn.ptnr2_label_comp_id 
_struct_conn.ptnr2_label_seq_id 
_struct_conn.ptnr2_label_atom_id 
_struct_conn.pdbx_ptnr2_label_alt_id 
_struct_conn.pdbx_ptnr2_PDB_ins_code 
_struct_conn.ptnr1_auth_asym_id 
_struct_conn.ptnr1_auth_comp_id 
_struct_conn.ptnr1_auth_seq_id 
_struct_conn.ptnr2_auth_asym_id 
_struct_conn.ptnr2_auth_comp_id 
_struct_conn.ptnr2_auth_seq_id 
_struct_conn.ptnr2_symmetry 
_struct_conn.pdbx_ptnr3_label_atom_id 
_struct_conn.pdbx_ptnr3_label_seq_id 
_struct_conn.pdbx_ptnr3_label_comp_id 
_struct_conn.pdbx_ptnr3_label_asym_id 
_struct_conn.pdbx_ptnr3_label_alt_id 
_struct_conn.pdbx_ptnr3_PDB_ins_code 
_struct_conn.details 
_struct_conn.pdbx_dist_value 
_struct_conn.pdbx_value_order 
_struct_conn.pdbx_role 
covale1  covale both ? A DT  7  "O3'" ? ? ? 1_555 A 5CM 8  P  ? ? A DT  7  A 5CM 8  1_555 ? ? ? ? ? ? ?            1.692 ? ? 
covale2  covale both ? A 5CM 8  "O3'" ? ? ? 1_555 A DT  9  P  ? ? A 5CM 8  A DT  9  1_555 ? ? ? ? ? ? ?            1.676 ? ? 
covale3  covale both ? B DT  7  "O3'" ? ? ? 1_555 B 5CM 8  P  ? ? B DT  19 B 5CM 20 1_555 ? ? ? ? ? ? ?            1.703 ? ? 
covale4  covale both ? B 5CM 8  "O3'" ? ? ? 1_555 B DT  9  P  ? ? B 5CM 20 B DT  21 1_555 ? ? ? ? ? ? ?            1.684 ? ? 
hydrog1  hydrog ?    ? A DC  1  N3    ? ? ? 1_555 B DG  12 N1 ? ? A DC  1  B DG  24 1_555 ? ? ? ? ? ? WATSON-CRICK ?     ? ? 
hydrog2  hydrog ?    ? A DC  1  N4    ? ? ? 1_555 B DG  12 O6 ? ? A DC  1  B DG  24 1_555 ? ? ? ? ? ? WATSON-CRICK ?     ? ? 
hydrog3  hydrog ?    ? A DC  1  O2    ? ? ? 1_555 B DG  12 N2 ? ? A DC  1  B DG  24 1_555 ? ? ? ? ? ? WATSON-CRICK ?     ? ? 
hydrog4  hydrog ?    ? A DG  2  N1    ? ? ? 1_555 B DC  11 N3 ? ? A DG  2  B DC  23 1_555 ? ? ? ? ? ? WATSON-CRICK ?     ? ? 
hydrog5  hydrog ?    ? A DG  2  N2    ? ? ? 1_555 B DC  11 O2 ? ? A DG  2  B DC  23 1_555 ? ? ? ? ? ? WATSON-CRICK ?     ? ? 
hydrog6  hydrog ?    ? A DG  2  O6    ? ? ? 1_555 B DC  11 N4 ? ? A DG  2  B DC  23 1_555 ? ? ? ? ? ? WATSON-CRICK ?     ? ? 
hydrog7  hydrog ?    ? A DC  3  N3    ? ? ? 1_555 B DG  10 N1 ? ? A DC  3  B DG  22 1_555 ? ? ? ? ? ? WATSON-CRICK ?     ? ? 
hydrog8  hydrog ?    ? A DC  3  N4    ? ? ? 1_555 B DG  10 O6 ? ? A DC  3  B DG  22 1_555 ? ? ? ? ? ? WATSON-CRICK ?     ? ? 
hydrog9  hydrog ?    ? A DC  3  O2    ? ? ? 1_555 B DG  10 N2 ? ? A DC  3  B DG  22 1_555 ? ? ? ? ? ? WATSON-CRICK ?     ? ? 
hydrog10 hydrog ?    ? A DA  4  N1    ? ? ? 1_555 B DT  9  N3 ? ? A DA  4  B DT  21 1_555 ? ? ? ? ? ? WATSON-CRICK ?     ? ? 
hydrog11 hydrog ?    ? A DA  4  N6    ? ? ? 1_555 B DT  9  O4 ? ? A DA  4  B DT  21 1_555 ? ? ? ? ? ? WATSON-CRICK ?     ? ? 
hydrog12 hydrog ?    ? A DA  6  N1    ? ? ? 1_555 B DT  7  N3 ? ? A DA  6  B DT  19 1_555 ? ? ? ? ? ? WATSON-CRICK ?     ? ? 
hydrog13 hydrog ?    ? A DA  6  N6    ? ? ? 1_555 B DT  7  O4 ? ? A DA  6  B DT  19 1_555 ? ? ? ? ? ? WATSON-CRICK ?     ? ? 
hydrog14 hydrog ?    ? A DT  7  N3    ? ? ? 1_555 B DA  6  N1 ? ? A DT  7  B DA  18 1_555 ? ? ? ? ? ? 'DT-DA PAIR' ?     ? ? 
hydrog15 hydrog ?    ? A DT  9  N3    ? ? ? 1_555 B DA  4  N1 ? ? A DT  9  B DA  16 1_555 ? ? ? ? ? ? WATSON-CRICK ?     ? ? 
hydrog16 hydrog ?    ? A DT  9  O4    ? ? ? 1_555 B DA  4  N6 ? ? A DT  9  B DA  16 1_555 ? ? ? ? ? ? WATSON-CRICK ?     ? ? 
hydrog17 hydrog ?    ? A DG  10 N1    ? ? ? 1_555 B DC  3  N3 ? ? A DG  10 B DC  15 1_555 ? ? ? ? ? ? WATSON-CRICK ?     ? ? 
hydrog18 hydrog ?    ? A DG  10 N2    ? ? ? 1_555 B DC  3  O2 ? ? A DG  10 B DC  15 1_555 ? ? ? ? ? ? WATSON-CRICK ?     ? ? 
hydrog19 hydrog ?    ? A DG  10 O6    ? ? ? 1_555 B DC  3  N4 ? ? A DG  10 B DC  15 1_555 ? ? ? ? ? ? WATSON-CRICK ?     ? ? 
hydrog20 hydrog ?    ? A DC  11 N3    ? ? ? 1_555 B DG  2  N1 ? ? A DC  11 B DG  14 1_555 ? ? ? ? ? ? WATSON-CRICK ?     ? ? 
hydrog21 hydrog ?    ? A DC  11 N4    ? ? ? 1_555 B DG  2  O6 ? ? A DC  11 B DG  14 1_555 ? ? ? ? ? ? WATSON-CRICK ?     ? ? 
hydrog22 hydrog ?    ? A DC  11 O2    ? ? ? 1_555 B DG  2  N2 ? ? A DC  11 B DG  14 1_555 ? ? ? ? ? ? WATSON-CRICK ?     ? ? 
hydrog23 hydrog ?    ? A DG  12 N1    ? ? ? 1_555 B DC  1  N3 ? ? A DG  12 B DC  13 1_555 ? ? ? ? ? ? WATSON-CRICK ?     ? ? 
hydrog24 hydrog ?    ? A DG  12 N2    ? ? ? 1_555 B DC  1  O2 ? ? A DG  12 B DC  13 1_555 ? ? ? ? ? ? WATSON-CRICK ?     ? ? 
hydrog25 hydrog ?    ? A DG  12 O6    ? ? ? 1_555 B DC  1  N4 ? ? A DG  12 B DC  13 1_555 ? ? ? ? ? ? WATSON-CRICK ?     ? ? 
# 
loop_
_struct_conn_type.id 
_struct_conn_type.criteria 
_struct_conn_type.reference 
covale ? ? 
hydrog ? ? 
# 
loop_
_pdbx_validate_rmsd_bond.id 
_pdbx_validate_rmsd_bond.PDB_model_num 
_pdbx_validate_rmsd_bond.auth_atom_id_1 
_pdbx_validate_rmsd_bond.auth_asym_id_1 
_pdbx_validate_rmsd_bond.auth_comp_id_1 
_pdbx_validate_rmsd_bond.auth_seq_id_1 
_pdbx_validate_rmsd_bond.PDB_ins_code_1 
_pdbx_validate_rmsd_bond.label_alt_id_1 
_pdbx_validate_rmsd_bond.auth_atom_id_2 
_pdbx_validate_rmsd_bond.auth_asym_id_2 
_pdbx_validate_rmsd_bond.auth_comp_id_2 
_pdbx_validate_rmsd_bond.auth_seq_id_2 
_pdbx_validate_rmsd_bond.PDB_ins_code_2 
_pdbx_validate_rmsd_bond.label_alt_id_2 
_pdbx_validate_rmsd_bond.bond_value 
_pdbx_validate_rmsd_bond.bond_target_value 
_pdbx_validate_rmsd_bond.bond_deviation 
_pdbx_validate_rmsd_bond.bond_standard_deviation 
_pdbx_validate_rmsd_bond.linker_flag 
1  1 P     A DG  2  ? ? OP2   A DG  2  ? ? 1.594 1.485 0.109  0.017 N 
2  1 "O3'" A DG  2  ? ? P     A DC  3  ? ? 1.682 1.607 0.075  0.012 Y 
3  1 P     A DC  3  ? ? OP2   A DC  3  ? ? 1.591 1.485 0.106  0.017 N 
4  1 P     A DA  4  ? ? OP2   A DA  4  ? ? 1.602 1.485 0.117  0.017 N 
5  1 P     A DA  6  ? ? OP1   A DA  6  ? ? 1.604 1.485 0.119  0.017 N 
6  1 "O4'" A DT  7  ? ? "C4'" A DT  7  ? ? 1.384 1.446 -0.062 0.010 N 
7  1 "O3'" A DT  7  ? ? P     A 5CM 8  ? ? 1.692 1.607 0.085  0.012 Y 
8  1 "O3'" A DT  9  ? ? P     A DG  10 ? ? 1.686 1.607 0.079  0.012 Y 
9  1 P     A DG  10 ? ? OP2   A DG  10 ? ? 1.591 1.485 0.106  0.017 N 
10 1 "O3'" A DG  10 ? ? P     A DC  11 ? ? 1.688 1.607 0.081  0.012 Y 
11 1 P     A DC  11 ? ? OP2   A DC  11 ? ? 1.600 1.485 0.115  0.017 N 
12 1 "O3'" B DC  13 ? ? P     B DG  14 ? ? 1.679 1.607 0.072  0.012 Y 
13 1 "O3'" B DG  14 ? ? P     B DC  15 ? ? 1.687 1.607 0.080  0.012 Y 
14 1 P     B DA  16 ? ? OP2   B DA  16 ? ? 1.609 1.485 0.124  0.017 N 
15 1 "O3'" B DA  16 ? ? P     B DI  17 ? ? 1.681 1.607 0.074  0.012 Y 
16 1 "O3'" B DI  17 ? ? P     B DA  18 ? ? 1.682 1.607 0.075  0.012 Y 
17 1 P     B DA  18 ? ? OP2   B DA  18 ? ? 1.604 1.485 0.119  0.017 N 
18 1 "O3'" B DA  18 ? ? P     B DT  19 ? ? 1.695 1.607 0.088  0.012 Y 
19 1 "O3'" B DT  19 ? ? P     B 5CM 20 ? ? 1.703 1.607 0.096  0.012 Y 
20 1 "O3'" B 5CM 20 ? ? P     B DT  21 ? ? 1.684 1.607 0.077  0.012 Y 
21 1 "O4'" B DT  21 ? ? "C4'" B DT  21 ? ? 1.380 1.446 -0.066 0.010 N 
22 1 "O3'" B DT  21 ? ? P     B DG  22 ? ? 1.685 1.607 0.078  0.012 Y 
23 1 "O3'" B DG  22 ? ? P     B DC  23 ? ? 1.688 1.607 0.081  0.012 Y 
24 1 P     B DC  23 ? ? OP2   B DC  23 ? ? 1.596 1.485 0.111  0.017 N 
25 1 "O3'" B DC  23 ? ? P     B DG  24 ? ? 1.698 1.607 0.091  0.012 Y 
# 
loop_
_pdbx_validate_rmsd_angle.id 
_pdbx_validate_rmsd_angle.PDB_model_num 
_pdbx_validate_rmsd_angle.auth_atom_id_1 
_pdbx_validate_rmsd_angle.auth_asym_id_1 
_pdbx_validate_rmsd_angle.auth_comp_id_1 
_pdbx_validate_rmsd_angle.auth_seq_id_1 
_pdbx_validate_rmsd_angle.PDB_ins_code_1 
_pdbx_validate_rmsd_angle.label_alt_id_1 
_pdbx_validate_rmsd_angle.auth_atom_id_2 
_pdbx_validate_rmsd_angle.auth_asym_id_2 
_pdbx_validate_rmsd_angle.auth_comp_id_2 
_pdbx_validate_rmsd_angle.auth_seq_id_2 
_pdbx_validate_rmsd_angle.PDB_ins_code_2 
_pdbx_validate_rmsd_angle.label_alt_id_2 
_pdbx_validate_rmsd_angle.auth_atom_id_3 
_pdbx_validate_rmsd_angle.auth_asym_id_3 
_pdbx_validate_rmsd_angle.auth_comp_id_3 
_pdbx_validate_rmsd_angle.auth_seq_id_3 
_pdbx_validate_rmsd_angle.PDB_ins_code_3 
_pdbx_validate_rmsd_angle.label_alt_id_3 
_pdbx_validate_rmsd_angle.angle_value 
_pdbx_validate_rmsd_angle.angle_target_value 
_pdbx_validate_rmsd_angle.angle_deviation 
_pdbx_validate_rmsd_angle.angle_standard_deviation 
_pdbx_validate_rmsd_angle.linker_flag 
1  1 N3    A DC  1  ? ? C4    A DC  1  ? ? C5    A DC  1  ? ? 118.76 121.90 -3.14  0.40 N 
2  1 N3    A DC  1  ? ? C2    A DC  1  ? ? O2    A DC  1  ? ? 126.33 121.90 4.43   0.70 N 
3  1 "C3'" A DC  1  ? ? "O3'" A DC  1  ? ? P     A DG  2  ? ? 131.36 119.70 11.66  1.20 Y 
4  1 "O4'" A DG  2  ? ? "C1'" A DG  2  ? ? N9    A DG  2  ? ? 110.28 108.30 1.98   0.30 N 
5  1 "C5'" A DC  3  ? ? "C4'" A DC  3  ? ? "O4'" A DC  3  ? ? 118.56 109.80 8.76   1.10 N 
6  1 C2    A DC  3  ? ? N3    A DC  3  ? ? C4    A DC  3  ? ? 123.29 119.90 3.39   0.50 N 
7  1 N3    A DC  3  ? ? C4    A DC  3  ? ? C5    A DC  3  ? ? 119.18 121.90 -2.72  0.40 N 
8  1 "C3'" A DC  3  ? ? "O3'" A DC  3  ? ? P     A DA  4  ? ? 126.94 119.70 7.24   1.20 Y 
9  1 "O5'" A DA  4  ? ? P     A DA  4  ? ? OP1   A DA  4  ? ? 121.26 110.70 10.56  1.20 N 
10 1 "O5'" A DA  4  ? ? "C5'" A DA  4  ? ? "C4'" A DA  4  ? ? 102.91 109.40 -6.49  0.80 N 
11 1 "O4'" A DA  4  ? ? "C1'" A DA  4  ? ? N9    A DA  4  ? ? 113.45 108.30 5.15   0.30 N 
12 1 C6    A DA  4  ? ? N1    A DA  4  ? ? C2    A DA  4  ? ? 125.00 118.60 6.40   0.60 N 
13 1 N1    A DA  4  ? ? C2    A DA  4  ? ? N3    A DA  4  ? ? 125.29 129.30 -4.01  0.50 N 
14 1 N3    A DA  4  ? ? C4    A DA  4  ? ? C5    A DA  4  ? ? 131.30 126.80 4.50   0.70 N 
15 1 C5    A DA  4  ? ? C6    A DA  4  ? ? N1    A DA  4  ? ? 113.39 117.70 -4.31  0.50 N 
16 1 C4    A DA  4  ? ? C5    A DA  4  ? ? N7    A DA  4  ? ? 113.96 110.70 3.26   0.50 N 
17 1 C5    A DA  4  ? ? N7    A DA  4  ? ? C8    A DA  4  ? ? 100.36 103.90 -3.54  0.50 N 
18 1 N9    A DA  4  ? ? C4    A DA  4  ? ? C5    A DA  4  ? ? 103.08 105.80 -2.72  0.40 N 
19 1 N1    A DA  4  ? ? C6    A DA  4  ? ? N6    A DA  4  ? ? 125.78 118.60 7.18   0.60 N 
20 1 "C3'" A DI  5  ? ? "O3'" A DI  5  ? ? P     A DA  6  ? ? 130.46 119.70 10.76  1.20 Y 
21 1 "O5'" A DA  6  ? ? "C5'" A DA  6  ? ? "C4'" A DA  6  ? ? 102.22 109.40 -7.18  0.80 N 
22 1 "O4'" A DA  6  ? ? "C1'" A DA  6  ? ? N9    A DA  6  ? ? 113.97 108.30 5.67   0.30 N 
23 1 C6    A DA  6  ? ? N1    A DA  6  ? ? C2    A DA  6  ? ? 122.32 118.60 3.72   0.60 N 
24 1 C5    A DA  6  ? ? C6    A DA  6  ? ? N1    A DA  6  ? ? 113.18 117.70 -4.52  0.50 N 
25 1 "C3'" A DA  6  ? ? "O3'" A DA  6  ? ? P     A DT  7  ? ? 128.90 119.70 9.20   1.20 Y 
26 1 OP1   A DT  7  ? ? P     A DT  7  ? ? OP2   A DT  7  ? ? 108.58 119.60 -11.02 1.50 N 
27 1 "O4'" A DT  7  ? ? "C1'" A DT  7  ? ? N1    A DT  7  ? ? 111.28 108.30 2.98   0.30 N 
28 1 N1    A DT  7  ? ? C2    A DT  7  ? ? N3    A DT  7  ? ? 118.82 114.60 4.22   0.60 N 
29 1 C2    A DT  7  ? ? N3    A DT  7  ? ? C4    A DT  7  ? ? 120.61 127.20 -6.59  0.60 N 
30 1 N3    A DT  7  ? ? C4    A DT  7  ? ? C5    A DT  7  ? ? 121.02 115.20 5.82   0.60 N 
31 1 C5    A DT  7  ? ? C4    A DT  7  ? ? O4    A DT  7  ? ? 119.76 124.90 -5.14  0.70 N 
32 1 "C3'" A DT  7  ? ? "O3'" A DT  7  ? ? P     A 5CM 8  ? ? 130.52 119.70 10.82  1.20 Y 
33 1 "C3'" A 5CM 8  ? ? "O3'" A 5CM 8  ? ? P     A DT  9  ? ? 134.84 119.70 15.14  1.20 Y 
34 1 OP1   A DT  9  ? ? P     A DT  9  ? ? OP2   A DT  9  ? ? 108.22 119.60 -11.38 1.50 N 
35 1 N3    A DT  9  ? ? C4    A DT  9  ? ? C5    A DT  9  ? ? 120.08 115.20 4.88   0.60 N 
36 1 N3    A DT  9  ? ? C2    A DT  9  ? ? O2    A DT  9  ? ? 126.98 122.30 4.68   0.60 N 
37 1 C4    A DT  9  ? ? C5    A DT  9  ? ? C7    A DT  9  ? ? 124.12 119.00 5.12   0.60 N 
38 1 "C3'" A DT  9  ? ? "O3'" A DT  9  ? ? P     A DG  10 ? ? 129.23 119.70 9.53   1.20 Y 
39 1 "C3'" A DG  10 ? ? "C2'" A DG  10 ? ? "C1'" A DG  10 ? ? 93.49  102.40 -8.91  0.80 N 
40 1 "O4'" A DG  10 ? ? "C1'" A DG  10 ? ? N9    A DG  10 ? ? 112.15 108.30 3.85   0.30 N 
41 1 N1    A DG  10 ? ? C6    A DG  10 ? ? O6    A DG  10 ? ? 124.86 119.90 4.96   0.60 N 
42 1 C5    A DG  10 ? ? C6    A DG  10 ? ? O6    A DG  10 ? ? 124.16 128.60 -4.44  0.60 N 
43 1 P     A DC  11 ? ? "O5'" A DC  11 ? ? "C5'" A DC  11 ? ? 132.17 120.90 11.27  1.60 N 
44 1 "C5'" A DC  11 ? ? "C4'" A DC  11 ? ? "O4'" A DC  11 ? ? 116.52 109.80 6.72   1.10 N 
45 1 C2    A DC  11 ? ? N3    A DC  11 ? ? C4    A DC  11 ? ? 123.50 119.90 3.60   0.50 N 
46 1 N3    A DC  11 ? ? C4    A DC  11 ? ? C5    A DC  11 ? ? 119.06 121.90 -2.84  0.40 N 
47 1 C8    A DG  12 ? ? N9    A DG  12 ? ? C4    A DG  12 ? ? 103.42 106.40 -2.98  0.40 N 
48 1 N3    A DG  12 ? ? C4    A DG  12 ? ? N9    A DG  12 ? ? 121.58 126.00 -4.42  0.60 N 
49 1 "O4'" B DC  13 ? ? "C1'" B DC  13 ? ? N1    B DC  13 ? ? 113.72 108.30 5.42   0.30 N 
50 1 N3    B DC  13 ? ? C4    B DC  13 ? ? C5    B DC  13 ? ? 117.78 121.90 -4.12  0.40 N 
51 1 "C3'" B DC  13 ? ? "O3'" B DC  13 ? ? P     B DG  14 ? ? 129.99 119.70 10.29  1.20 Y 
52 1 "O4'" B DG  14 ? ? "C1'" B DG  14 ? ? N9    B DG  14 ? ? 113.25 108.30 4.95   0.30 N 
53 1 N1    B DG  14 ? ? C6    B DG  14 ? ? O6    B DG  14 ? ? 124.31 119.90 4.41   0.60 N 
54 1 "C3'" B DG  14 ? ? "O3'" B DG  14 ? ? P     B DC  15 ? ? 128.80 119.70 9.10   1.20 Y 
55 1 "C5'" B DC  15 ? ? "C4'" B DC  15 ? ? "O4'" B DC  15 ? ? 116.70 109.80 6.90   1.10 N 
56 1 "O4'" B DC  15 ? ? "C1'" B DC  15 ? ? N1    B DC  15 ? ? 103.50 108.00 -4.50  0.70 N 
57 1 C2    B DC  15 ? ? N3    B DC  15 ? ? C4    B DC  15 ? ? 124.85 119.90 4.95   0.50 N 
58 1 N3    B DC  15 ? ? C4    B DC  15 ? ? C5    B DC  15 ? ? 118.46 121.90 -3.44  0.40 N 
59 1 C5    B DC  15 ? ? C6    B DC  15 ? ? N1    B DC  15 ? ? 124.40 121.00 3.40   0.50 N 
60 1 N1    B DC  15 ? ? C2    B DC  15 ? ? O2    B DC  15 ? ? 114.72 118.90 -4.18  0.60 N 
61 1 N3    B DC  15 ? ? C2    B DC  15 ? ? O2    B DC  15 ? ? 129.28 121.90 7.38   0.70 N 
62 1 "C3'" B DC  15 ? ? "O3'" B DC  15 ? ? P     B DA  16 ? ? 129.36 119.70 9.66   1.20 Y 
63 1 "O5'" B DA  16 ? ? "C5'" B DA  16 ? ? "C4'" B DA  16 ? ? 104.38 109.40 -5.02  0.80 N 
64 1 "O4'" B DA  16 ? ? "C1'" B DA  16 ? ? N9    B DA  16 ? ? 113.39 108.30 5.09   0.30 N 
65 1 C6    B DA  16 ? ? N1    B DA  16 ? ? C2    B DA  16 ? ? 122.61 118.60 4.01   0.60 N 
66 1 C5    B DA  16 ? ? C6    B DA  16 ? ? N1    B DA  16 ? ? 113.71 117.70 -3.99  0.50 N 
67 1 "C3'" B DA  16 ? ? "O3'" B DA  16 ? ? P     B DI  17 ? ? 130.80 119.70 11.10  1.20 Y 
68 1 "C3'" B DI  17 ? ? "O3'" B DI  17 ? ? P     B DA  18 ? ? 130.47 119.70 10.77  1.20 Y 
69 1 OP1   B DA  18 ? ? P     B DA  18 ? ? OP2   B DA  18 ? ? 108.12 119.60 -11.48 1.50 N 
70 1 "O4'" B DA  18 ? ? "C1'" B DA  18 ? ? N9    B DA  18 ? ? 114.10 108.30 5.80   0.30 N 
71 1 C6    B DA  18 ? ? N1    B DA  18 ? ? C2    B DA  18 ? ? 122.87 118.60 4.27   0.60 N 
72 1 N1    B DA  18 ? ? C2    B DA  18 ? ? N3    B DA  18 ? ? 126.30 129.30 -3.00  0.50 N 
73 1 C5    B DA  18 ? ? C6    B DA  18 ? ? N1    B DA  18 ? ? 113.90 117.70 -3.80  0.50 N 
74 1 C5    B DA  18 ? ? N7    B DA  18 ? ? C8    B DA  18 ? ? 100.03 103.90 -3.87  0.50 N 
75 1 C6    B DA  18 ? ? C5    B DA  18 ? ? N7    B DA  18 ? ? 127.55 132.30 -4.75  0.70 N 
76 1 N1    B DA  18 ? ? C6    B DA  18 ? ? N6    B DA  18 ? ? 125.84 118.60 7.24   0.60 N 
77 1 "C3'" B DA  18 ? ? "O3'" B DA  18 ? ? P     B DT  19 ? ? 127.95 119.70 8.25   1.20 Y 
78 1 OP1   B DT  19 ? ? P     B DT  19 ? ? OP2   B DT  19 ? ? 106.90 119.60 -12.70 1.50 N 
79 1 "O4'" B DT  19 ? ? "C1'" B DT  19 ? ? N1    B DT  19 ? ? 115.69 108.30 7.39   0.30 N 
80 1 C4    B DT  19 ? ? C5    B DT  19 ? ? C7    B DT  19 ? ? 124.91 119.00 5.91   0.60 N 
81 1 C6    B DT  19 ? ? C5    B DT  19 ? ? C7    B DT  19 ? ? 116.40 122.90 -6.50  0.60 N 
82 1 OP1   B DT  21 ? ? P     B DT  21 ? ? OP2   B DT  21 ? ? 109.76 119.60 -9.84  1.50 N 
83 1 N3    B DT  21 ? ? C4    B DT  21 ? ? C5    B DT  21 ? ? 119.42 115.20 4.22   0.60 N 
84 1 N1    B DT  21 ? ? C2    B DT  21 ? ? O2    B DT  21 ? ? 116.30 123.10 -6.80  0.80 N 
85 1 N3    B DT  21 ? ? C2    B DT  21 ? ? O2    B DT  21 ? ? 129.66 122.30 7.36   0.60 N 
86 1 N3    B DT  21 ? ? C4    B DT  21 ? ? O4    B DT  21 ? ? 116.11 119.90 -3.79  0.60 N 
87 1 C4    B DT  21 ? ? C5    B DT  21 ? ? C7    B DT  21 ? ? 126.17 119.00 7.17   0.60 N 
88 1 C6    B DT  21 ? ? C5    B DT  21 ? ? C7    B DT  21 ? ? 118.84 122.90 -4.06  0.60 N 
89 1 "C3'" B DT  21 ? ? "O3'" B DT  21 ? ? P     B DG  22 ? ? 128.53 119.70 8.83   1.20 Y 
90 1 "C3'" B DG  22 ? ? "C2'" B DG  22 ? ? "C1'" B DG  22 ? ? 96.07  102.40 -6.33  0.80 N 
91 1 "O4'" B DG  22 ? ? "C1'" B DG  22 ? ? N9    B DG  22 ? ? 113.64 108.30 5.34   0.30 N 
92 1 "O4'" B DC  23 ? ? "C1'" B DC  23 ? ? N1    B DC  23 ? ? 112.52 108.30 4.22   0.30 N 
93 1 C5    B DC  23 ? ? C6    B DC  23 ? ? N1    B DC  23 ? ? 125.09 121.00 4.09   0.50 N 
94 1 C5    B DG  24 ? ? N7    B DG  24 ? ? C8    B DG  24 ? ? 100.65 104.30 -3.65  0.50 N 
95 1 N7    B DG  24 ? ? C8    B DG  24 ? ? N9    B DG  24 ? ? 117.67 113.10 4.57   0.50 N 
96 1 C8    B DG  24 ? ? N9    B DG  24 ? ? C4    B DG  24 ? ? 102.92 106.40 -3.48  0.40 N 
97 1 N3    B DG  24 ? ? C2    B DG  24 ? ? N2    B DG  24 ? ? 124.57 119.90 4.67   0.70 N 
# 
loop_
_pdbx_struct_mod_residue.id 
_pdbx_struct_mod_residue.label_asym_id 
_pdbx_struct_mod_residue.label_comp_id 
_pdbx_struct_mod_residue.label_seq_id 
_pdbx_struct_mod_residue.auth_asym_id 
_pdbx_struct_mod_residue.auth_comp_id 
_pdbx_struct_mod_residue.auth_seq_id 
_pdbx_struct_mod_residue.PDB_ins_code 
_pdbx_struct_mod_residue.parent_comp_id 
_pdbx_struct_mod_residue.details 
1 A 5CM 8 A 5CM 8  ? DC ? 
2 B 5CM 8 B 5CM 20 ? DC ? 
# 
loop_
_refine_B_iso.class 
_refine_B_iso.details 
_refine_B_iso.treatment 
_refine_B_iso.pdbx_refine_id 
'ALL ATOMS'  TR isotropic 'X-RAY DIFFRACTION' 
'ALL WATERS' TR isotropic 'X-RAY DIFFRACTION' 
# 
loop_
_refine_occupancy.class 
_refine_occupancy.treatment 
_refine_occupancy.pdbx_refine_id 
'ALL ATOMS'  fix 'X-RAY DIFFRACTION' 
'ALL WATERS' fix 'X-RAY DIFFRACTION' 
# 
loop_
_chem_comp_atom.comp_id 
_chem_comp_atom.atom_id 
_chem_comp_atom.type_symbol 
_chem_comp_atom.pdbx_aromatic_flag 
_chem_comp_atom.pdbx_stereo_config 
_chem_comp_atom.pdbx_ordinal 
5CM N1     N N N 1   
5CM C2     C N N 2   
5CM N3     N N N 3   
5CM C4     C N N 4   
5CM C5     C N N 5   
5CM C5A    C N N 6   
5CM C6     C N N 7   
5CM O2     O N N 8   
5CM N4     N N N 9   
5CM "C1'"  C N R 10  
5CM "C2'"  C N N 11  
5CM "C3'"  C N S 12  
5CM "C4'"  C N R 13  
5CM "O4'"  O N N 14  
5CM "O3'"  O N N 15  
5CM "C5'"  C N N 16  
5CM "O5'"  O N N 17  
5CM P      P N N 18  
5CM OP1    O N N 19  
5CM OP2    O N N 20  
5CM OP3    O N N 21  
5CM H5A1   H N N 22  
5CM H5A2   H N N 23  
5CM H5A3   H N N 24  
5CM H6     H N N 25  
5CM HN41   H N N 26  
5CM HN42   H N N 27  
5CM "H1'"  H N N 28  
5CM "H2'"  H N N 29  
5CM "H2''" H N N 30  
5CM "H3'"  H N N 31  
5CM "H4'"  H N N 32  
5CM "HO3'" H N N 33  
5CM "H5'"  H N N 34  
5CM "H5''" H N N 35  
5CM HOP2   H N N 36  
5CM HOP3   H N N 37  
DA  OP3    O N N 38  
DA  P      P N N 39  
DA  OP1    O N N 40  
DA  OP2    O N N 41  
DA  "O5'"  O N N 42  
DA  "C5'"  C N N 43  
DA  "C4'"  C N R 44  
DA  "O4'"  O N N 45  
DA  "C3'"  C N S 46  
DA  "O3'"  O N N 47  
DA  "C2'"  C N N 48  
DA  "C1'"  C N R 49  
DA  N9     N Y N 50  
DA  C8     C Y N 51  
DA  N7     N Y N 52  
DA  C5     C Y N 53  
DA  C6     C Y N 54  
DA  N6     N N N 55  
DA  N1     N Y N 56  
DA  C2     C Y N 57  
DA  N3     N Y N 58  
DA  C4     C Y N 59  
DA  HOP3   H N N 60  
DA  HOP2   H N N 61  
DA  "H5'"  H N N 62  
DA  "H5''" H N N 63  
DA  "H4'"  H N N 64  
DA  "H3'"  H N N 65  
DA  "HO3'" H N N 66  
DA  "H2'"  H N N 67  
DA  "H2''" H N N 68  
DA  "H1'"  H N N 69  
DA  H8     H N N 70  
DA  H61    H N N 71  
DA  H62    H N N 72  
DA  H2     H N N 73  
DC  OP3    O N N 74  
DC  P      P N N 75  
DC  OP1    O N N 76  
DC  OP2    O N N 77  
DC  "O5'"  O N N 78  
DC  "C5'"  C N N 79  
DC  "C4'"  C N R 80  
DC  "O4'"  O N N 81  
DC  "C3'"  C N S 82  
DC  "O3'"  O N N 83  
DC  "C2'"  C N N 84  
DC  "C1'"  C N R 85  
DC  N1     N N N 86  
DC  C2     C N N 87  
DC  O2     O N N 88  
DC  N3     N N N 89  
DC  C4     C N N 90  
DC  N4     N N N 91  
DC  C5     C N N 92  
DC  C6     C N N 93  
DC  HOP3   H N N 94  
DC  HOP2   H N N 95  
DC  "H5'"  H N N 96  
DC  "H5''" H N N 97  
DC  "H4'"  H N N 98  
DC  "H3'"  H N N 99  
DC  "HO3'" H N N 100 
DC  "H2'"  H N N 101 
DC  "H2''" H N N 102 
DC  "H1'"  H N N 103 
DC  H41    H N N 104 
DC  H42    H N N 105 
DC  H5     H N N 106 
DC  H6     H N N 107 
DG  OP3    O N N 108 
DG  P      P N N 109 
DG  OP1    O N N 110 
DG  OP2    O N N 111 
DG  "O5'"  O N N 112 
DG  "C5'"  C N N 113 
DG  "C4'"  C N R 114 
DG  "O4'"  O N N 115 
DG  "C3'"  C N S 116 
DG  "O3'"  O N N 117 
DG  "C2'"  C N N 118 
DG  "C1'"  C N R 119 
DG  N9     N Y N 120 
DG  C8     C Y N 121 
DG  N7     N Y N 122 
DG  C5     C Y N 123 
DG  C6     C N N 124 
DG  O6     O N N 125 
DG  N1     N N N 126 
DG  C2     C N N 127 
DG  N2     N N N 128 
DG  N3     N N N 129 
DG  C4     C Y N 130 
DG  HOP3   H N N 131 
DG  HOP2   H N N 132 
DG  "H5'"  H N N 133 
DG  "H5''" H N N 134 
DG  "H4'"  H N N 135 
DG  "H3'"  H N N 136 
DG  "HO3'" H N N 137 
DG  "H2'"  H N N 138 
DG  "H2''" H N N 139 
DG  "H1'"  H N N 140 
DG  H8     H N N 141 
DG  H1     H N N 142 
DG  H21    H N N 143 
DG  H22    H N N 144 
DI  OP3    O N N 145 
DI  P      P N N 146 
DI  OP1    O N N 147 
DI  OP2    O N N 148 
DI  "O5'"  O N N 149 
DI  "C5'"  C N N 150 
DI  "C4'"  C N R 151 
DI  "O4'"  O N N 152 
DI  "C3'"  C N S 153 
DI  "O3'"  O N N 154 
DI  "C2'"  C N N 155 
DI  "C1'"  C N R 156 
DI  N9     N Y N 157 
DI  C8     C Y N 158 
DI  N7     N Y N 159 
DI  C5     C Y N 160 
DI  C6     C N N 161 
DI  O6     O N N 162 
DI  N1     N N N 163 
DI  C2     C N N 164 
DI  N3     N N N 165 
DI  C4     C Y N 166 
DI  HOP3   H N N 167 
DI  HOP2   H N N 168 
DI  "H5'"  H N N 169 
DI  "H5''" H N N 170 
DI  "H4'"  H N N 171 
DI  "H3'"  H N N 172 
DI  "HO3'" H N N 173 
DI  "H2'"  H N N 174 
DI  "H2''" H N N 175 
DI  "H1'"  H N N 176 
DI  H8     H N N 177 
DI  H1     H N N 178 
DI  H2     H N N 179 
DT  OP3    O N N 180 
DT  P      P N N 181 
DT  OP1    O N N 182 
DT  OP2    O N N 183 
DT  "O5'"  O N N 184 
DT  "C5'"  C N N 185 
DT  "C4'"  C N R 186 
DT  "O4'"  O N N 187 
DT  "C3'"  C N S 188 
DT  "O3'"  O N N 189 
DT  "C2'"  C N N 190 
DT  "C1'"  C N R 191 
DT  N1     N N N 192 
DT  C2     C N N 193 
DT  O2     O N N 194 
DT  N3     N N N 195 
DT  C4     C N N 196 
DT  O4     O N N 197 
DT  C5     C N N 198 
DT  C7     C N N 199 
DT  C6     C N N 200 
DT  HOP3   H N N 201 
DT  HOP2   H N N 202 
DT  "H5'"  H N N 203 
DT  "H5''" H N N 204 
DT  "H4'"  H N N 205 
DT  "H3'"  H N N 206 
DT  "HO3'" H N N 207 
DT  "H2'"  H N N 208 
DT  "H2''" H N N 209 
DT  "H1'"  H N N 210 
DT  H3     H N N 211 
DT  H71    H N N 212 
DT  H72    H N N 213 
DT  H73    H N N 214 
DT  H6     H N N 215 
HOH O      O N N 216 
HOH H1     H N N 217 
HOH H2     H N N 218 
# 
loop_
_chem_comp_bond.comp_id 
_chem_comp_bond.atom_id_1 
_chem_comp_bond.atom_id_2 
_chem_comp_bond.value_order 
_chem_comp_bond.pdbx_aromatic_flag 
_chem_comp_bond.pdbx_stereo_config 
_chem_comp_bond.pdbx_ordinal 
5CM N1    C2     sing N N 1   
5CM N1    C6     sing N N 2   
5CM N1    "C1'"  sing N N 3   
5CM C2    N3     sing N N 4   
5CM C2    O2     doub N N 5   
5CM N3    C4     doub N N 6   
5CM C4    C5     sing N N 7   
5CM C4    N4     sing N N 8   
5CM C5    C5A    sing N N 9   
5CM C5    C6     doub N N 10  
5CM C5A   H5A1   sing N N 11  
5CM C5A   H5A2   sing N N 12  
5CM C5A   H5A3   sing N N 13  
5CM C6    H6     sing N N 14  
5CM N4    HN41   sing N N 15  
5CM N4    HN42   sing N N 16  
5CM "C1'" "C2'"  sing N N 17  
5CM "C1'" "O4'"  sing N N 18  
5CM "C1'" "H1'"  sing N N 19  
5CM "C2'" "C3'"  sing N N 20  
5CM "C2'" "H2'"  sing N N 21  
5CM "C2'" "H2''" sing N N 22  
5CM "C3'" "C4'"  sing N N 23  
5CM "C3'" "O3'"  sing N N 24  
5CM "C3'" "H3'"  sing N N 25  
5CM "C4'" "O4'"  sing N N 26  
5CM "C4'" "C5'"  sing N N 27  
5CM "C4'" "H4'"  sing N N 28  
5CM "O3'" "HO3'" sing N N 29  
5CM "C5'" "O5'"  sing N N 30  
5CM "C5'" "H5'"  sing N N 31  
5CM "C5'" "H5''" sing N N 32  
5CM "O5'" P      sing N N 33  
5CM P     OP1    doub N N 34  
5CM P     OP2    sing N N 35  
5CM P     OP3    sing N N 36  
5CM OP2   HOP2   sing N N 37  
5CM OP3   HOP3   sing N N 38  
DA  OP3   P      sing N N 39  
DA  OP3   HOP3   sing N N 40  
DA  P     OP1    doub N N 41  
DA  P     OP2    sing N N 42  
DA  P     "O5'"  sing N N 43  
DA  OP2   HOP2   sing N N 44  
DA  "O5'" "C5'"  sing N N 45  
DA  "C5'" "C4'"  sing N N 46  
DA  "C5'" "H5'"  sing N N 47  
DA  "C5'" "H5''" sing N N 48  
DA  "C4'" "O4'"  sing N N 49  
DA  "C4'" "C3'"  sing N N 50  
DA  "C4'" "H4'"  sing N N 51  
DA  "O4'" "C1'"  sing N N 52  
DA  "C3'" "O3'"  sing N N 53  
DA  "C3'" "C2'"  sing N N 54  
DA  "C3'" "H3'"  sing N N 55  
DA  "O3'" "HO3'" sing N N 56  
DA  "C2'" "C1'"  sing N N 57  
DA  "C2'" "H2'"  sing N N 58  
DA  "C2'" "H2''" sing N N 59  
DA  "C1'" N9     sing N N 60  
DA  "C1'" "H1'"  sing N N 61  
DA  N9    C8     sing Y N 62  
DA  N9    C4     sing Y N 63  
DA  C8    N7     doub Y N 64  
DA  C8    H8     sing N N 65  
DA  N7    C5     sing Y N 66  
DA  C5    C6     sing Y N 67  
DA  C5    C4     doub Y N 68  
DA  C6    N6     sing N N 69  
DA  C6    N1     doub Y N 70  
DA  N6    H61    sing N N 71  
DA  N6    H62    sing N N 72  
DA  N1    C2     sing Y N 73  
DA  C2    N3     doub Y N 74  
DA  C2    H2     sing N N 75  
DA  N3    C4     sing Y N 76  
DC  OP3   P      sing N N 77  
DC  OP3   HOP3   sing N N 78  
DC  P     OP1    doub N N 79  
DC  P     OP2    sing N N 80  
DC  P     "O5'"  sing N N 81  
DC  OP2   HOP2   sing N N 82  
DC  "O5'" "C5'"  sing N N 83  
DC  "C5'" "C4'"  sing N N 84  
DC  "C5'" "H5'"  sing N N 85  
DC  "C5'" "H5''" sing N N 86  
DC  "C4'" "O4'"  sing N N 87  
DC  "C4'" "C3'"  sing N N 88  
DC  "C4'" "H4'"  sing N N 89  
DC  "O4'" "C1'"  sing N N 90  
DC  "C3'" "O3'"  sing N N 91  
DC  "C3'" "C2'"  sing N N 92  
DC  "C3'" "H3'"  sing N N 93  
DC  "O3'" "HO3'" sing N N 94  
DC  "C2'" "C1'"  sing N N 95  
DC  "C2'" "H2'"  sing N N 96  
DC  "C2'" "H2''" sing N N 97  
DC  "C1'" N1     sing N N 98  
DC  "C1'" "H1'"  sing N N 99  
DC  N1    C2     sing N N 100 
DC  N1    C6     sing N N 101 
DC  C2    O2     doub N N 102 
DC  C2    N3     sing N N 103 
DC  N3    C4     doub N N 104 
DC  C4    N4     sing N N 105 
DC  C4    C5     sing N N 106 
DC  N4    H41    sing N N 107 
DC  N4    H42    sing N N 108 
DC  C5    C6     doub N N 109 
DC  C5    H5     sing N N 110 
DC  C6    H6     sing N N 111 
DG  OP3   P      sing N N 112 
DG  OP3   HOP3   sing N N 113 
DG  P     OP1    doub N N 114 
DG  P     OP2    sing N N 115 
DG  P     "O5'"  sing N N 116 
DG  OP2   HOP2   sing N N 117 
DG  "O5'" "C5'"  sing N N 118 
DG  "C5'" "C4'"  sing N N 119 
DG  "C5'" "H5'"  sing N N 120 
DG  "C5'" "H5''" sing N N 121 
DG  "C4'" "O4'"  sing N N 122 
DG  "C4'" "C3'"  sing N N 123 
DG  "C4'" "H4'"  sing N N 124 
DG  "O4'" "C1'"  sing N N 125 
DG  "C3'" "O3'"  sing N N 126 
DG  "C3'" "C2'"  sing N N 127 
DG  "C3'" "H3'"  sing N N 128 
DG  "O3'" "HO3'" sing N N 129 
DG  "C2'" "C1'"  sing N N 130 
DG  "C2'" "H2'"  sing N N 131 
DG  "C2'" "H2''" sing N N 132 
DG  "C1'" N9     sing N N 133 
DG  "C1'" "H1'"  sing N N 134 
DG  N9    C8     sing Y N 135 
DG  N9    C4     sing Y N 136 
DG  C8    N7     doub Y N 137 
DG  C8    H8     sing N N 138 
DG  N7    C5     sing Y N 139 
DG  C5    C6     sing N N 140 
DG  C5    C4     doub Y N 141 
DG  C6    O6     doub N N 142 
DG  C6    N1     sing N N 143 
DG  N1    C2     sing N N 144 
DG  N1    H1     sing N N 145 
DG  C2    N2     sing N N 146 
DG  C2    N3     doub N N 147 
DG  N2    H21    sing N N 148 
DG  N2    H22    sing N N 149 
DG  N3    C4     sing N N 150 
DI  OP3   P      sing N N 151 
DI  OP3   HOP3   sing N N 152 
DI  P     OP1    doub N N 153 
DI  P     OP2    sing N N 154 
DI  P     "O5'"  sing N N 155 
DI  OP2   HOP2   sing N N 156 
DI  "O5'" "C5'"  sing N N 157 
DI  "C5'" "C4'"  sing N N 158 
DI  "C5'" "H5'"  sing N N 159 
DI  "C5'" "H5''" sing N N 160 
DI  "C4'" "O4'"  sing N N 161 
DI  "C4'" "C3'"  sing N N 162 
DI  "C4'" "H4'"  sing N N 163 
DI  "O4'" "C1'"  sing N N 164 
DI  "C3'" "O3'"  sing N N 165 
DI  "C3'" "C2'"  sing N N 166 
DI  "C3'" "H3'"  sing N N 167 
DI  "O3'" "HO3'" sing N N 168 
DI  "C2'" "C1'"  sing N N 169 
DI  "C2'" "H2'"  sing N N 170 
DI  "C2'" "H2''" sing N N 171 
DI  "C1'" N9     sing N N 172 
DI  "C1'" "H1'"  sing N N 173 
DI  N9    C8     sing Y N 174 
DI  N9    C4     sing Y N 175 
DI  C8    N7     doub Y N 176 
DI  C8    H8     sing N N 177 
DI  N7    C5     sing Y N 178 
DI  C5    C6     sing N N 179 
DI  C5    C4     doub Y N 180 
DI  C6    O6     doub N N 181 
DI  C6    N1     sing N N 182 
DI  N1    C2     sing N N 183 
DI  N1    H1     sing N N 184 
DI  C2    N3     doub N N 185 
DI  C2    H2     sing N N 186 
DI  N3    C4     sing N N 187 
DT  OP3   P      sing N N 188 
DT  OP3   HOP3   sing N N 189 
DT  P     OP1    doub N N 190 
DT  P     OP2    sing N N 191 
DT  P     "O5'"  sing N N 192 
DT  OP2   HOP2   sing N N 193 
DT  "O5'" "C5'"  sing N N 194 
DT  "C5'" "C4'"  sing N N 195 
DT  "C5'" "H5'"  sing N N 196 
DT  "C5'" "H5''" sing N N 197 
DT  "C4'" "O4'"  sing N N 198 
DT  "C4'" "C3'"  sing N N 199 
DT  "C4'" "H4'"  sing N N 200 
DT  "O4'" "C1'"  sing N N 201 
DT  "C3'" "O3'"  sing N N 202 
DT  "C3'" "C2'"  sing N N 203 
DT  "C3'" "H3'"  sing N N 204 
DT  "O3'" "HO3'" sing N N 205 
DT  "C2'" "C1'"  sing N N 206 
DT  "C2'" "H2'"  sing N N 207 
DT  "C2'" "H2''" sing N N 208 
DT  "C1'" N1     sing N N 209 
DT  "C1'" "H1'"  sing N N 210 
DT  N1    C2     sing N N 211 
DT  N1    C6     sing N N 212 
DT  C2    O2     doub N N 213 
DT  C2    N3     sing N N 214 
DT  N3    C4     sing N N 215 
DT  N3    H3     sing N N 216 
DT  C4    O4     doub N N 217 
DT  C4    C5     sing N N 218 
DT  C5    C7     sing N N 219 
DT  C5    C6     doub N N 220 
DT  C7    H71    sing N N 221 
DT  C7    H72    sing N N 222 
DT  C7    H73    sing N N 223 
DT  C6    H6     sing N N 224 
HOH O     H1     sing N N 225 
HOH O     H2     sing N N 226 
# 
loop_
_ndb_struct_conf_na.entry_id 
_ndb_struct_conf_na.feature 
297D 'double helix'         
297D 'b-form double helix'  
297D 'mismatched base pair' 
# 
loop_
_ndb_struct_na_base_pair.model_number 
_ndb_struct_na_base_pair.i_label_asym_id 
_ndb_struct_na_base_pair.i_label_comp_id 
_ndb_struct_na_base_pair.i_label_seq_id 
_ndb_struct_na_base_pair.i_symmetry 
_ndb_struct_na_base_pair.j_label_asym_id 
_ndb_struct_na_base_pair.j_label_comp_id 
_ndb_struct_na_base_pair.j_label_seq_id 
_ndb_struct_na_base_pair.j_symmetry 
_ndb_struct_na_base_pair.shear 
_ndb_struct_na_base_pair.stretch 
_ndb_struct_na_base_pair.stagger 
_ndb_struct_na_base_pair.buckle 
_ndb_struct_na_base_pair.propeller 
_ndb_struct_na_base_pair.opening 
_ndb_struct_na_base_pair.pair_number 
_ndb_struct_na_base_pair.pair_name 
_ndb_struct_na_base_pair.i_auth_asym_id 
_ndb_struct_na_base_pair.i_auth_seq_id 
_ndb_struct_na_base_pair.i_PDB_ins_code 
_ndb_struct_na_base_pair.j_auth_asym_id 
_ndb_struct_na_base_pair.j_auth_seq_id 
_ndb_struct_na_base_pair.j_PDB_ins_code 
_ndb_struct_na_base_pair.hbond_type_28 
_ndb_struct_na_base_pair.hbond_type_12 
1 A DC 1  1_555 B DG 12 1_555 1.408  -0.195 -0.019 3.571   -16.392 3.714  1  A_DC1:DG24_B  A 1  ? B 24 ? 19 1 
1 A DG 2  1_555 B DC 11 1_555 -0.717 -0.430 0.513  4.437   -13.804 -2.367 2  A_DG2:DC23_B  A 2  ? B 23 ? 19 1 
1 A DC 3  1_555 B DG 10 1_555 0.175  -0.226 0.065  -0.670  -8.535  -4.930 3  A_DC3:DG22_B  A 3  ? B 22 ? 19 1 
1 A DA 4  1_555 B DT 9  1_555 -0.512 -0.391 -0.320 10.192  -15.504 1.681  4  A_DA4:DT21_B  A 4  ? B 21 ? 20 1 
1 A DA 6  1_555 B DT 7  1_555 -0.133 -0.211 0.175  3.204   -21.701 1.756  5  A_DA6:DT19_B  A 6  ? B 19 ? 20 1 
1 A DT 7  1_555 B DA 6  1_555 -0.083 -0.126 0.487  1.458   -23.186 8.679  6  A_DT7:DA18_B  A 7  ? B 18 ? ?  1 
1 A DT 9  1_555 B DA 4  1_555 -0.212 -0.393 -0.226 -10.519 -17.872 -2.207 7  A_DT9:DA16_B  A 9  ? B 16 ? 20 1 
1 A DG 10 1_555 B DC 3  1_555 -0.697 -0.310 0.258  2.967   -10.926 1.114  8  A_DG10:DC15_B A 10 ? B 15 ? 19 1 
1 A DC 11 1_555 B DG 2  1_555 0.451  -0.365 0.351  1.694   -23.200 1.768  9  A_DC11:DG14_B A 11 ? B 14 ? 19 1 
1 A DG 12 1_555 B DC 1  1_555 -0.750 -0.275 0.502  9.383   4.231   -5.154 10 A_DG12:DC13_B A 12 ? B 13 ? 19 1 
# 
loop_
_ndb_struct_na_base_pair_step.model_number 
_ndb_struct_na_base_pair_step.i_label_asym_id_1 
_ndb_struct_na_base_pair_step.i_label_comp_id_1 
_ndb_struct_na_base_pair_step.i_label_seq_id_1 
_ndb_struct_na_base_pair_step.i_symmetry_1 
_ndb_struct_na_base_pair_step.j_label_asym_id_1 
_ndb_struct_na_base_pair_step.j_label_comp_id_1 
_ndb_struct_na_base_pair_step.j_label_seq_id_1 
_ndb_struct_na_base_pair_step.j_symmetry_1 
_ndb_struct_na_base_pair_step.i_label_asym_id_2 
_ndb_struct_na_base_pair_step.i_label_comp_id_2 
_ndb_struct_na_base_pair_step.i_label_seq_id_2 
_ndb_struct_na_base_pair_step.i_symmetry_2 
_ndb_struct_na_base_pair_step.j_label_asym_id_2 
_ndb_struct_na_base_pair_step.j_label_comp_id_2 
_ndb_struct_na_base_pair_step.j_label_seq_id_2 
_ndb_struct_na_base_pair_step.j_symmetry_2 
_ndb_struct_na_base_pair_step.shift 
_ndb_struct_na_base_pair_step.slide 
_ndb_struct_na_base_pair_step.rise 
_ndb_struct_na_base_pair_step.tilt 
_ndb_struct_na_base_pair_step.roll 
_ndb_struct_na_base_pair_step.twist 
_ndb_struct_na_base_pair_step.x_displacement 
_ndb_struct_na_base_pair_step.y_displacement 
_ndb_struct_na_base_pair_step.helical_rise 
_ndb_struct_na_base_pair_step.inclination 
_ndb_struct_na_base_pair_step.tip 
_ndb_struct_na_base_pair_step.helical_twist 
_ndb_struct_na_base_pair_step.step_number 
_ndb_struct_na_base_pair_step.step_name 
_ndb_struct_na_base_pair_step.i_auth_asym_id_1 
_ndb_struct_na_base_pair_step.i_auth_seq_id_1 
_ndb_struct_na_base_pair_step.i_PDB_ins_code_1 
_ndb_struct_na_base_pair_step.j_auth_asym_id_1 
_ndb_struct_na_base_pair_step.j_auth_seq_id_1 
_ndb_struct_na_base_pair_step.j_PDB_ins_code_1 
_ndb_struct_na_base_pair_step.i_auth_asym_id_2 
_ndb_struct_na_base_pair_step.i_auth_seq_id_2 
_ndb_struct_na_base_pair_step.i_PDB_ins_code_2 
_ndb_struct_na_base_pair_step.j_auth_asym_id_2 
_ndb_struct_na_base_pair_step.j_auth_seq_id_2 
_ndb_struct_na_base_pair_step.j_PDB_ins_code_2 
1 A DC 1  1_555 B DG 12 1_555 A DG 2  1_555 B DC 11 1_555 -0.417 -0.103 3.166 -6.290 8.771   29.481 -1.808 -0.388 3.035 16.553  
11.871  31.353 1 AA_DC1DG2:DC23DG24_BB   A 1  ? B 24 ? A 2  ? B 23 ? 
1 A DG 2  1_555 B DC 11 1_555 A DC 3  1_555 B DG 10 1_555 0.351  0.543  3.532 4.147  -4.873  42.276 1.270  -0.034 3.469 -6.711  
-5.711  42.736 2 AA_DG2DC3:DG22DC23_BB   A 2  ? B 23 ? A 3  ? B 22 ? 
1 A DC 3  1_555 B DG 10 1_555 A DA 4  1_555 B DT 9  1_555 -0.277 0.714  3.129 5.104  8.798   24.015 -0.797 1.996  3.073 20.034  
-11.621 26.051 3 AA_DC3DA4:DT21DG22_BB   A 3  ? B 22 ? A 4  ? B 21 ? 
1 A DA 4  1_555 B DT 9  1_555 A DA 6  1_555 B DT 7  1_555 0.161  0.053  6.582 -6.542 3.614   77.976 -0.160 -0.494 6.552 2.866   
5.188   78.277 4 AA_DA4DA6:DT19DT21_BB   A 4  ? B 21 ? A 6  ? B 19 ? 
1 A DA 6  1_555 B DT 7  1_555 A DT 7  1_555 B DA 6  1_555 0.418  -0.560 3.229 -1.695 -0.227  30.771 -1.011 -1.112 3.206 -0.428  
3.191   30.817 5 AA_DA6DT7:DA18DT19_BB   A 6  ? B 19 ? A 7  ? B 18 ? 
1 A DT 7  1_555 B DA 6  1_555 A DT 9  1_555 B DA 4  1_555 -1.069 0.174  6.577 4.268  -2.811  78.800 0.290  1.074  6.514 -2.212  
-3.359  78.939 6 AA_DT7DT9:DA16DA18_BB   A 7  ? B 18 ? A 9  ? B 16 ? 
1 A DT 9  1_555 B DA 4  1_555 A DG 10 1_555 B DC 3  1_555 0.596  1.021  3.073 -6.296 3.244   23.221 1.467  -3.284 2.925 7.828   
15.194  24.263 7 AA_DT9DG10:DC15DA16_BB  A 9  ? B 16 ? A 10 ? B 15 ? 
1 A DG 10 1_555 B DC 3  1_555 A DC 11 1_555 B DG 2  1_555 -1.117 0.757  3.516 -3.559 -12.977 48.631 1.875  1.043  3.294 -15.418 
4.229   50.349 8 AA_DG10DC11:DG14DC15_BB A 10 ? B 15 ? A 11 ? B 14 ? 
1 A DC 11 1_555 B DG 2  1_555 A DG 12 1_555 B DC 1  1_555 0.948  0.536  3.112 1.354  -2.638  33.640 1.330  -1.424 3.097 -4.547  
-2.334  33.766 9 AA_DC11DG12:DC13DG14_BB A 11 ? B 14 ? A 12 ? B 13 ? 
# 
_atom_sites.entry_id                    297D 
_atom_sites.fract_transf_matrix[1][1]   -0.01316954 
_atom_sites.fract_transf_matrix[1][2]   0.03138584 
_atom_sites.fract_transf_matrix[1][3]   0.02118444 
_atom_sites.fract_transf_matrix[2][1]   0.02094537 
_atom_sites.fract_transf_matrix[2][2]   -0.00000283 
_atom_sites.fract_transf_matrix[2][3]   0.01302512 
_atom_sites.fract_transf_matrix[3][1]   0.00636093 
_atom_sites.fract_transf_matrix[3][2]   0.00957179 
_atom_sites.fract_transf_matrix[3][3]   -0.01022677 
_atom_sites.fract_transf_vector[1]      0.402936 
_atom_sites.fract_transf_vector[2]      -0.014509 
_atom_sites.fract_transf_vector[3]      0.130369 
# 
loop_
_atom_type.symbol 
C 
N 
O 
P 
# 
loop_
_atom_site.group_PDB 
_atom_site.id 
_atom_site.type_symbol 
_atom_site.label_atom_id 
_atom_site.label_alt_id 
_atom_site.label_comp_id 
_atom_site.label_asym_id 
_atom_site.label_entity_id 
_atom_site.label_seq_id 
_atom_site.pdbx_PDB_ins_code 
_atom_site.Cartn_x 
_atom_site.Cartn_y 
_atom_site.Cartn_z 
_atom_site.occupancy 
_atom_site.B_iso_or_equiv 
_atom_site.pdbx_formal_charge 
_atom_site.auth_seq_id 
_atom_site.auth_comp_id 
_atom_site.auth_asym_id 
_atom_site.auth_atom_id 
_atom_site.pdbx_PDB_model_num 
ATOM   1   O "O5'" . DC  A 1 1  ? -3.887  5.242   -20.375 1.00 40.12 ? 1   DC  A "O5'" 1 
ATOM   2   C "C5'" . DC  A 1 1  ? -3.255  6.368   -19.768 1.00 49.85 ? 1   DC  A "C5'" 1 
ATOM   3   C "C4'" . DC  A 1 1  ? -2.015  5.899   -19.058 1.00 51.56 ? 1   DC  A "C4'" 1 
ATOM   4   O "O4'" . DC  A 1 1  ? -1.253  6.888   -18.414 1.00 40.25 ? 1   DC  A "O4'" 1 
ATOM   5   C "C3'" . DC  A 1 1  ? -2.033  4.659   -18.160 1.00 28.53 ? 1   DC  A "C3'" 1 
ATOM   6   O "O3'" . DC  A 1 1  ? -1.171  3.658   -18.691 1.00 31.42 ? 1   DC  A "O3'" 1 
ATOM   7   C "C2'" . DC  A 1 1  ? -1.627  5.218   -16.805 1.00 31.04 ? 1   DC  A "C2'" 1 
ATOM   8   C "C1'" . DC  A 1 1  ? -0.704  6.336   -17.176 1.00 35.64 ? 1   DC  A "C1'" 1 
ATOM   9   N N1    . DC  A 1 1  ? -0.617  7.468   -16.229 1.00 27.98 ? 1   DC  A N1    1 
ATOM   10  C C2    . DC  A 1 1  ? 0.663   7.967   -16.025 1.00 19.61 ? 1   DC  A C2    1 
ATOM   11  O O2    . DC  A 1 1  ? 1.572   7.354   -16.581 1.00 20.76 ? 1   DC  A O2    1 
ATOM   12  N N3    . DC  A 1 1  ? 0.802   9.042   -15.198 1.00 19.57 ? 1   DC  A N3    1 
ATOM   13  C C4    . DC  A 1 1  ? -0.249  9.630   -14.575 1.00 32.13 ? 1   DC  A C4    1 
ATOM   14  N N4    . DC  A 1 1  ? -0.084  10.685  -13.755 1.00 21.31 ? 1   DC  A N4    1 
ATOM   15  C C5    . DC  A 1 1  ? -1.547  9.121   -14.804 1.00 35.88 ? 1   DC  A C5    1 
ATOM   16  C C6    . DC  A 1 1  ? -1.676  8.062   -15.626 1.00 22.35 ? 1   DC  A C6    1 
ATOM   17  P P     . DG  A 1 2  ? -1.047  2.023   -18.367 1.00 43.05 ? 2   DG  A P     1 
ATOM   18  O OP1   . DG  A 1 2  ? -0.926  1.128   -19.545 1.00 42.42 ? 2   DG  A OP1   1 
ATOM   19  O OP2   . DG  A 1 2  ? -2.220  1.678   -17.343 1.00 57.03 ? 2   DG  A OP2   1 
ATOM   20  O "O5'" . DG  A 1 2  ? 0.282   1.869   -17.489 1.00 55.72 ? 2   DG  A "O5'" 1 
ATOM   21  C "C5'" . DG  A 1 2  ? 1.581   1.952   -18.091 1.00 33.58 ? 2   DG  A "C5'" 1 
ATOM   22  C "C4'" . DG  A 1 2  ? 2.704   1.773   -17.072 1.00 32.22 ? 2   DG  A "C4'" 1 
ATOM   23  O "O4'" . DG  A 1 2  ? 2.877   3.011   -16.305 1.00 41.14 ? 2   DG  A "O4'" 1 
ATOM   24  C "C3'" . DG  A 1 2  ? 2.455   0.685   -16.035 1.00 50.12 ? 2   DG  A "C3'" 1 
ATOM   25  O "O3'" . DG  A 1 2  ? 3.671   0.075   -15.663 1.00 56.79 ? 2   DG  A "O3'" 1 
ATOM   26  C "C2'" . DG  A 1 2  ? 1.752   1.470   -14.933 1.00 34.00 ? 2   DG  A "C2'" 1 
ATOM   27  C "C1'" . DG  A 1 2  ? 2.603   2.773   -14.922 1.00 18.58 ? 2   DG  A "C1'" 1 
ATOM   28  N N9    . DG  A 1 2  ? 1.982   3.967   -14.310 1.00 15.23 ? 2   DG  A N9    1 
ATOM   29  C C8    . DG  A 1 2  ? 0.652   4.310   -14.130 1.00 13.36 ? 2   DG  A C8    1 
ATOM   30  N N7    . DG  A 1 2  ? 0.466   5.430   -13.466 1.00 18.22 ? 2   DG  A N7    1 
ATOM   31  C C5    . DG  A 1 2  ? 1.764   5.857   -13.160 1.00 17.14 ? 2   DG  A C5    1 
ATOM   32  C C6    . DG  A 1 2  ? 2.225   6.994   -12.445 1.00 9.06  ? 2   DG  A C6    1 
ATOM   33  O O6    . DG  A 1 2  ? 1.562   7.913   -11.963 1.00 12.32 ? 2   DG  A O6    1 
ATOM   34  N N1    . DG  A 1 2  ? 3.624   7.004   -12.333 1.00 14.39 ? 2   DG  A N1    1 
ATOM   35  C C2    . DG  A 1 2  ? 4.486   6.031   -12.836 1.00 19.89 ? 2   DG  A C2    1 
ATOM   36  N N2    . DG  A 1 2  ? 5.792   6.222   -12.653 1.00 19.42 ? 2   DG  A N2    1 
ATOM   37  N N3    . DG  A 1 2  ? 4.052   5.009   -13.549 1.00 18.63 ? 2   DG  A N3    1 
ATOM   38  C C4    . DG  A 1 2  ? 2.696   4.974   -13.679 1.00 15.32 ? 2   DG  A C4    1 
ATOM   39  P P     . DC  A 1 3  ? 3.852   -1.541  -15.236 1.00 46.59 ? 3   DC  A P     1 
ATOM   40  O OP1   . DC  A 1 3  ? 4.071   -2.380  -16.457 1.00 34.45 ? 3   DC  A OP1   1 
ATOM   41  O OP2   . DC  A 1 3  ? 2.576   -1.930  -14.368 1.00 50.97 ? 3   DC  A OP2   1 
ATOM   42  O "O5'" . DC  A 1 3  ? 5.051   -1.605  -14.217 1.00 50.51 ? 3   DC  A "O5'" 1 
ATOM   43  C "C5'" . DC  A 1 3  ? 6.240   -0.840  -14.246 1.00 46.94 ? 3   DC  A "C5'" 1 
ATOM   44  C "C4'" . DC  A 1 3  ? 6.201   0.045   -13.010 1.00 33.28 ? 3   DC  A "C4'" 1 
ATOM   45  O "O4'" . DC  A 1 3  ? 5.179   1.005   -12.903 1.00 32.67 ? 3   DC  A "O4'" 1 
ATOM   46  C "C3'" . DC  A 1 3  ? 6.103   -0.777  -11.710 1.00 40.38 ? 3   DC  A "C3'" 1 
ATOM   47  O "O3'" . DC  A 1 3  ? 7.412   -1.311  -11.516 1.00 41.85 ? 3   DC  A "O3'" 1 
ATOM   48  C "C2'" . DC  A 1 3  ? 5.492   0.215   -10.753 1.00 39.85 ? 3   DC  A "C2'" 1 
ATOM   49  C "C1'" . DC  A 1 3  ? 5.190   1.461   -11.521 1.00 31.36 ? 3   DC  A "C1'" 1 
ATOM   50  N N1    . DC  A 1 3  ? 3.896   2.102   -11.190 1.00 19.16 ? 3   DC  A N1    1 
ATOM   51  C C2    . DC  A 1 3  ? 3.922   3.349   -10.565 1.00 28.46 ? 3   DC  A C2    1 
ATOM   52  O O2    . DC  A 1 3  ? 5.007   3.882   -10.279 1.00 24.45 ? 3   DC  A O2    1 
ATOM   53  N N3    . DC  A 1 3  ? 2.709   3.925   -10.269 1.00 20.58 ? 3   DC  A N3    1 
ATOM   54  C C4    . DC  A 1 3  ? 1.519   3.349   -10.568 1.00 18.55 ? 3   DC  A C4    1 
ATOM   55  N N4    . DC  A 1 3  ? 0.349   3.942   -10.280 1.00 20.66 ? 3   DC  A N4    1 
ATOM   56  C C5    . DC  A 1 3  ? 1.505   2.081   -11.194 1.00 16.59 ? 3   DC  A C5    1 
ATOM   57  C C6    . DC  A 1 3  ? 2.701   1.506   -11.458 1.00 18.07 ? 3   DC  A C6    1 
ATOM   58  P P     . DA  A 1 4  ? 7.962   -2.174  -10.187 1.00 41.95 ? 4   DA  A P     1 
ATOM   59  O OP1   . DA  A 1 4  ? 9.053   -3.067  -10.617 1.00 52.93 ? 4   DA  A OP1   1 
ATOM   60  O OP2   . DA  A 1 4  ? 6.725   -3.015  -9.614  1.00 55.91 ? 4   DA  A OP2   1 
ATOM   61  O "O5'" . DA  A 1 4  ? 8.185   -1.097  -9.062  1.00 37.16 ? 4   DA  A "O5'" 1 
ATOM   62  C "C5'" . DA  A 1 4  ? 9.148   -0.027  -9.295  1.00 44.54 ? 4   DA  A "C5'" 1 
ATOM   63  C "C4'" . DA  A 1 4  ? 9.091   0.764   -8.011  1.00 35.76 ? 4   DA  A "C4'" 1 
ATOM   64  O "O4'" . DA  A 1 4  ? 7.935   1.540   -7.896  1.00 33.81 ? 4   DA  A "O4'" 1 
ATOM   65  C "C3'" . DA  A 1 4  ? 9.073   -0.111  -6.737  1.00 48.30 ? 4   DA  A "C3'" 1 
ATOM   66  O "O3'" . DA  A 1 4  ? 9.739   0.711   -5.786  1.00 50.32 ? 4   DA  A "O3'" 1 
ATOM   67  C "C2'" . DA  A 1 4  ? 7.594   -0.237  -6.422  1.00 43.62 ? 4   DA  A "C2'" 1 
ATOM   68  C "C1'" . DA  A 1 4  ? 7.158   1.177   -6.743  1.00 31.04 ? 4   DA  A "C1'" 1 
ATOM   69  N N9    . DA  A 1 4  ? 5.707   1.230   -6.975  1.00 32.73 ? 4   DA  A N9    1 
ATOM   70  C C8    . DA  A 1 4  ? 4.853   0.251   -7.411  1.00 28.34 ? 4   DA  A C8    1 
ATOM   71  N N7    . DA  A 1 4  ? 3.591   0.635   -7.539  1.00 31.88 ? 4   DA  A N7    1 
ATOM   72  C C5    . DA  A 1 4  ? 3.693   1.988   -7.127  1.00 24.24 ? 4   DA  A C5    1 
ATOM   73  C C6    . DA  A 1 4  ? 2.687   2.978   -7.040  1.00 24.01 ? 4   DA  A C6    1 
ATOM   74  N N6    . DA  A 1 4  ? 1.416   2.694   -7.355  1.00 25.65 ? 4   DA  A N6    1 
ATOM   75  N N1    . DA  A 1 4  ? 3.152   4.187   -6.597  1.00 29.94 ? 4   DA  A N1    1 
ATOM   76  C C2    . DA  A 1 4  ? 4.447   4.446   -6.232  1.00 23.19 ? 4   DA  A C2    1 
ATOM   77  N N3    . DA  A 1 4  ? 5.467   3.573   -6.315  1.00 29.44 ? 4   DA  A N3    1 
ATOM   78  C C4    . DA  A 1 4  ? 4.975   2.377   -6.791  1.00 42.93 ? 4   DA  A C4    1 
ATOM   79  P P     . DI  A 1 5  ? 10.535  0.122   -4.437  1.00 52.04 ? 5   DI  A P     1 
ATOM   80  O OP1   . DI  A 1 5  ? 11.807  -0.503  -4.851  1.00 63.62 ? 5   DI  A OP1   1 
ATOM   81  O OP2   . DI  A 1 5  ? 9.527   -0.856  -3.678  1.00 58.93 ? 5   DI  A OP2   1 
ATOM   82  O "O5'" . DI  A 1 5  ? 10.709  1.314   -3.403  1.00 62.42 ? 5   DI  A "O5'" 1 
ATOM   83  C "C5'" . DI  A 1 5  ? 10.768  2.716   -3.697  1.00 65.25 ? 5   DI  A "C5'" 1 
ATOM   84  C "C4'" . DI  A 1 5  ? 9.793   3.556   -2.862  1.00 61.89 ? 5   DI  A "C4'" 1 
ATOM   85  O "O4'" . DI  A 1 5  ? 8.451   3.449   -3.443  1.00 40.01 ? 5   DI  A "O4'" 1 
ATOM   86  C "C3'" . DI  A 1 5  ? 9.701   3.157   -1.376  1.00 41.95 ? 5   DI  A "C3'" 1 
ATOM   87  O "O3'" . DI  A 1 5  ? 9.864   4.332   -0.619  1.00 42.01 ? 5   DI  A "O3'" 1 
ATOM   88  C "C2'" . DI  A 1 5  ? 8.380   2.406   -1.322  1.00 45.83 ? 5   DI  A "C2'" 1 
ATOM   89  C "C1'" . DI  A 1 5  ? 7.538   3.171   -2.381  1.00 29.43 ? 5   DI  A "C1'" 1 
ATOM   90  N N9    . DI  A 1 5  ? 6.385   2.403   -2.880  1.00 25.31 ? 5   DI  A N9    1 
ATOM   91  C C8    . DI  A 1 5  ? 6.287   1.093   -3.311  1.00 33.24 ? 5   DI  A C8    1 
ATOM   92  N N7    . DI  A 1 5  ? 5.086   0.733   -3.678  1.00 27.81 ? 5   DI  A N7    1 
ATOM   93  C C5    . DI  A 1 5  ? 4.346   1.898   -3.437  1.00 21.55 ? 5   DI  A C5    1 
ATOM   94  C C6    . DI  A 1 5  ? 2.960   2.143   -3.656  1.00 17.88 ? 5   DI  A C6    1 
ATOM   95  O O6    . DI  A 1 5  ? 2.140   1.334   -4.080  1.00 21.61 ? 5   DI  A O6    1 
ATOM   96  N N1    . DI  A 1 5  ? 2.638   3.452   -3.277  1.00 25.78 ? 5   DI  A N1    1 
ATOM   97  C C2    . DI  A 1 5  ? 3.538   4.405   -2.784  1.00 33.96 ? 5   DI  A C2    1 
ATOM   98  N N3    . DI  A 1 5  ? 4.833   4.223   -2.635  1.00 25.05 ? 5   DI  A N3    1 
ATOM   99  C C4    . DI  A 1 5  ? 5.127   2.934   -2.970  1.00 18.57 ? 5   DI  A C4    1 
ATOM   100 P P     . DA  A 1 6  ? 9.660   4.607   1.021   1.00 34.29 ? 6   DA  A P     1 
ATOM   101 O OP1   . DA  A 1 6  ? 10.413  5.988   1.334   1.00 37.52 ? 6   DA  A OP1   1 
ATOM   102 O OP2   . DA  A 1 6  ? 10.181  3.499   1.827   1.00 52.90 ? 6   DA  A OP2   1 
ATOM   103 O "O5'" . DA  A 1 6  ? 8.139   4.974   1.186   1.00 41.48 ? 6   DA  A "O5'" 1 
ATOM   104 C "C5'" . DA  A 1 6  ? 7.527   6.084   0.449   1.00 38.88 ? 6   DA  A "C5'" 1 
ATOM   105 C "C4'" . DA  A 1 6  ? 6.167   6.204   1.118   1.00 39.10 ? 6   DA  A "C4'" 1 
ATOM   106 O "O4'" . DA  A 1 6  ? 5.203   5.393   0.506   1.00 35.18 ? 6   DA  A "O4'" 1 
ATOM   107 C "C3'" . DA  A 1 6  ? 6.199   5.771   2.607   1.00 37.71 ? 6   DA  A "C3'" 1 
ATOM   108 O "O3'" . DA  A 1 6  ? 5.438   6.780   3.262   1.00 29.29 ? 6   DA  A "O3'" 1 
ATOM   109 C "C2'" . DA  A 1 6  ? 5.594   4.372   2.548   1.00 51.25 ? 6   DA  A "C2'" 1 
ATOM   110 C "C1'" . DA  A 1 6  ? 4.589   4.481   1.426   1.00 31.46 ? 6   DA  A "C1'" 1 
ATOM   111 N N9    . DA  A 1 6  ? 4.280   3.163   0.845   1.00 13.73 ? 6   DA  A N9    1 
ATOM   112 C C8    . DA  A 1 6  ? 5.102   2.091   0.686   1.00 15.51 ? 6   DA  A C8    1 
ATOM   113 N N7    . DA  A 1 6  ? 4.516   1.039   0.124   1.00 26.75 ? 6   DA  A N7    1 
ATOM   114 C C5    . DA  A 1 6  ? 3.191   1.508   -0.089  1.00 18.30 ? 6   DA  A C5    1 
ATOM   115 C C6    . DA  A 1 6  ? 2.077   0.821   -0.635  1.00 12.98 ? 6   DA  A C6    1 
ATOM   116 N N6    . DA  A 1 6  ? 2.113   -0.420  -1.154  1.00 14.69 ? 6   DA  A N6    1 
ATOM   117 N N1    . DA  A 1 6  ? 0.952   1.582   -0.686  1.00 11.71 ? 6   DA  A N1    1 
ATOM   118 C C2    . DA  A 1 6  ? 0.909   2.854   -0.193  1.00 12.26 ? 6   DA  A C2    1 
ATOM   119 N N3    . DA  A 1 6  ? 1.892   3.566   0.368   1.00 6.36  ? 6   DA  A N3    1 
ATOM   120 C C4    . DA  A 1 6  ? 3.032   2.797   0.373   1.00 17.57 ? 6   DA  A C4    1 
ATOM   121 P P     . DT  A 1 7  ? 4.854   6.806   4.835   1.00 35.58 ? 7   DT  A P     1 
ATOM   122 O OP1   . DT  A 1 7  ? 5.428   7.982   5.561   1.00 35.47 ? 7   DT  A OP1   1 
ATOM   123 O OP2   . DT  A 1 7  ? 5.325   5.483   5.565   1.00 47.78 ? 7   DT  A OP2   1 
ATOM   124 O "O5'" . DT  A 1 7  ? 3.285   6.758   4.797   1.00 50.75 ? 7   DT  A "O5'" 1 
ATOM   125 C "C5'" . DT  A 1 7  ? 2.374   7.084   3.715   1.00 42.88 ? 7   DT  A "C5'" 1 
ATOM   126 C "C4'" . DT  A 1 7  ? 1.225   6.097   3.868   1.00 22.22 ? 7   DT  A "C4'" 1 
ATOM   127 O "O4'" . DT  A 1 7  ? 1.487   4.889   3.245   1.00 29.83 ? 7   DT  A "O4'" 1 
ATOM   128 C "C3'" . DT  A 1 7  ? 0.938   5.754   5.360   1.00 33.64 ? 7   DT  A "C3'" 1 
ATOM   129 O "O3'" . DT  A 1 7  ? -0.243  6.484   5.589   1.00 18.71 ? 7   DT  A "O3'" 1 
ATOM   130 C "C2'" . DT  A 1 7  ? 0.937   4.242   5.373   1.00 22.13 ? 7   DT  A "C2'" 1 
ATOM   131 C "C1'" . DT  A 1 7  ? 0.832   3.791   3.944   1.00 7.37  ? 7   DT  A "C1'" 1 
ATOM   132 N N1    . DT  A 1 7  ? 1.456   2.507   3.620   1.00 14.59 ? 7   DT  A N1    1 
ATOM   133 C C2    . DT  A 1 7  ? 0.592   1.603   2.973   1.00 24.91 ? 7   DT  A C2    1 
ATOM   134 O O2    . DT  A 1 7  ? -0.570  1.963   2.726   1.00 19.43 ? 7   DT  A O2    1 
ATOM   135 N N3    . DT  A 1 7  ? 1.076   0.373   2.607   1.00 10.60 ? 7   DT  A N3    1 
ATOM   136 C C4    . DT  A 1 7  ? 2.344   0.023   2.893   1.00 14.37 ? 7   DT  A C4    1 
ATOM   137 O O4    . DT  A 1 7  ? 2.770   -1.108  2.521   1.00 20.45 ? 7   DT  A O4    1 
ATOM   138 C C5    . DT  A 1 7  ? 3.218   0.919   3.575   1.00 13.77 ? 7   DT  A C5    1 
ATOM   139 C C7    . DT  A 1 7  ? 4.614   0.448   3.894   1.00 17.57 ? 7   DT  A C7    1 
ATOM   140 C C6    . DT  A 1 7  ? 2.746   2.137   3.930   1.00 12.05 ? 7   DT  A C6    1 
HETATM 141 N N1    . 5CM A 1 8  ? -2.363  0.957   5.522   1.00 39.59 ? 8   5CM A N1    1 
HETATM 142 C C2    . 5CM A 1 8  ? -2.447  -0.298  4.912   1.00 26.77 ? 8   5CM A C2    1 
HETATM 143 N N3    . 5CM A 1 8  ? -1.342  -1.078  5.058   1.00 25.77 ? 8   5CM A N3    1 
HETATM 144 C C4    . 5CM A 1 8  ? -0.235  -0.712  5.705   1.00 29.31 ? 8   5CM A C4    1 
HETATM 145 C C5    . 5CM A 1 8  ? -0.151  0.570   6.354   1.00 33.05 ? 8   5CM A C5    1 
HETATM 146 C C5A   . 5CM A 1 8  ? 1.058   1.074   7.168   1.00 32.66 ? 8   5CM A C5A   1 
HETATM 147 C C6    . 5CM A 1 8  ? -1.256  1.358   6.237   1.00 31.96 ? 8   5CM A C6    1 
HETATM 148 O O2    . 5CM A 1 8  ? -3.461  -0.665  4.285   1.00 30.55 ? 8   5CM A O2    1 
HETATM 149 N N4    . 5CM A 1 8  ? 0.759   -1.581  5.746   1.00 32.85 ? 8   5CM A N4    1 
HETATM 150 C "C1'" . 5CM A 1 8  ? -3.519  1.872   5.438   1.00 29.51 ? 8   5CM A "C1'" 1 
HETATM 151 C "C2'" . 5CM A 1 8  ? -4.020  2.367   6.769   1.00 29.20 ? 8   5CM A "C2'" 1 
HETATM 152 C "C3'" . 5CM A 1 8  ? -4.582  3.740   6.507   1.00 38.52 ? 8   5CM A "C3'" 1 
HETATM 153 C "C4'" . 5CM A 1 8  ? -3.960  4.128   5.147   1.00 44.18 ? 8   5CM A "C4'" 1 
HETATM 154 O "O4'" . 5CM A 1 8  ? -3.164  3.036   4.674   1.00 40.25 ? 8   5CM A "O4'" 1 
HETATM 155 O "O3'" . 5CM A 1 8  ? -5.974  3.970   6.343   1.00 64.86 ? 8   5CM A "O3'" 1 
HETATM 156 C "C5'" . 5CM A 1 8  ? -3.132  5.398   5.214   1.00 45.17 ? 8   5CM A "C5'" 1 
HETATM 157 O "O5'" . 5CM A 1 8  ? -2.452  5.460   6.494   1.00 42.96 ? 8   5CM A "O5'" 1 
HETATM 158 P P     . 5CM A 1 8  ? -1.294  6.488   6.915   1.00 31.06 ? 8   5CM A P     1 
HETATM 159 O OP1   . 5CM A 1 8  ? -1.849  7.843   7.202   1.00 29.27 ? 8   5CM A OP1   1 
HETATM 160 O OP2   . 5CM A 1 8  ? -0.571  5.832   8.089   1.00 40.50 ? 8   5CM A OP2   1 
ATOM   161 P P     . DT  A 1 9  ? -7.367  3.295   6.985   1.00 51.82 ? 9   DT  A P     1 
ATOM   162 O OP1   . DT  A 1 9  ? -8.484  4.184   6.513   1.00 56.34 ? 9   DT  A OP1   1 
ATOM   163 O OP2   . DT  A 1 9  ? -7.275  3.409   8.536   1.00 33.49 ? 9   DT  A OP2   1 
ATOM   164 O "O5'" . DT  A 1 9  ? -7.493  1.780   6.545   1.00 41.23 ? 9   DT  A "O5'" 1 
ATOM   165 C "C5'" . DT  A 1 9  ? -7.193  1.459   5.147   1.00 42.55 ? 9   DT  A "C5'" 1 
ATOM   166 C "C4'" . DT  A 1 9  ? -7.690  0.049   4.926   1.00 46.06 ? 9   DT  A "C4'" 1 
ATOM   167 O "O4'" . DT  A 1 9  ? -6.705  -0.924  5.010   1.00 41.21 ? 9   DT  A "O4'" 1 
ATOM   168 C "C3'" . DT  A 1 9  ? -8.773  -0.266  5.998   1.00 34.29 ? 9   DT  A "C3'" 1 
ATOM   169 O "O3'" . DT  A 1 9  ? -9.675  -0.990  5.198   1.00 65.77 ? 9   DT  A "O3'" 1 
ATOM   170 C "C2'" . DT  A 1 9  ? -7.951  -0.978  7.030   1.00 35.52 ? 9   DT  A "C2'" 1 
ATOM   171 C "C1'" . DT  A 1 9  ? -6.891  -1.701  6.235   1.00 36.95 ? 9   DT  A "C1'" 1 
ATOM   172 N N1    . DT  A 1 9  ? -5.587  -1.828  6.895   1.00 31.93 ? 9   DT  A N1    1 
ATOM   173 C C2    . DT  A 1 9  ? -4.846  -2.913  6.431   1.00 24.23 ? 9   DT  A C2    1 
ATOM   174 O O2    . DT  A 1 9  ? -5.356  -3.691  5.610   1.00 35.80 ? 9   DT  A O2    1 
ATOM   175 N N3    . DT  A 1 9  ? -3.597  -2.989  6.962   1.00 26.41 ? 9   DT  A N3    1 
ATOM   176 C C4    . DT  A 1 9  ? -3.070  -2.121  7.844   1.00 30.18 ? 9   DT  A C4    1 
ATOM   177 O O4    . DT  A 1 9  ? -1.913  -2.343  8.286   1.00 37.37 ? 9   DT  A O4    1 
ATOM   178 C C5    . DT  A 1 9  ? -3.833  -1.019  8.297   1.00 29.65 ? 9   DT  A C5    1 
ATOM   179 C C7    . DT  A 1 9  ? -3.347  -0.014  9.299   1.00 24.66 ? 9   DT  A C7    1 
ATOM   180 C C6    . DT  A 1 9  ? -5.075  -0.925  7.777   1.00 52.84 ? 9   DT  A C6    1 
ATOM   181 P P     . DG  A 1 10 ? -11.215 -1.562  5.576   1.00 50.52 ? 10  DG  A P     1 
ATOM   182 O OP1   . DG  A 1 10 ? -12.111 -1.482  4.405   1.00 52.54 ? 10  DG  A OP1   1 
ATOM   183 O OP2   . DG  A 1 10 ? -11.720 -0.760  6.854   1.00 45.73 ? 10  DG  A OP2   1 
ATOM   184 O "O5'" . DG  A 1 10 ? -10.973 -3.075  6.009   1.00 61.55 ? 10  DG  A "O5'" 1 
ATOM   185 C "C5'" . DG  A 1 10 ? -10.227 -4.100  5.314   1.00 48.30 ? 10  DG  A "C5'" 1 
ATOM   186 C "C4'" . DG  A 1 10 ? -9.852  -5.189  6.335   1.00 51.53 ? 10  DG  A "C4'" 1 
ATOM   187 O "O4'" . DG  A 1 10 ? -8.546  -4.885  6.927   1.00 42.15 ? 10  DG  A "O4'" 1 
ATOM   188 C "C3'" . DG  A 1 10 ? -10.792 -5.315  7.534   1.00 67.98 ? 10  DG  A "C3'" 1 
ATOM   189 O "O3'" . DG  A 1 10 ? -10.889 -6.604  8.099   1.00 56.66 ? 10  DG  A "O3'" 1 
ATOM   190 C "C2'" . DG  A 1 10 ? -10.153 -4.347  8.544   1.00 42.97 ? 10  DG  A "C2'" 1 
ATOM   191 C "C1'" . DG  A 1 10 ? -8.727  -4.946  8.360   1.00 29.41 ? 10  DG  A "C1'" 1 
ATOM   192 N N9    . DG  A 1 10 ? -7.621  -4.305  9.087   1.00 42.55 ? 10  DG  A N9    1 
ATOM   193 C C8    . DG  A 1 10 ? -7.499  -3.177  9.874   1.00 46.58 ? 10  DG  A C8    1 
ATOM   194 N N7    . DG  A 1 10 ? -6.290  -2.991  10.358  1.00 44.43 ? 10  DG  A N7    1 
ATOM   195 C C5    . DG  A 1 10 ? -5.585  -4.093  9.865   1.00 40.44 ? 10  DG  A C5    1 
ATOM   196 C C6    . DG  A 1 10 ? -4.233  -4.490  10.039  1.00 34.51 ? 10  DG  A C6    1 
ATOM   197 O O6    . DG  A 1 10 ? -3.406  -3.857  10.697  1.00 38.78 ? 10  DG  A O6    1 
ATOM   198 N N1    . DG  A 1 10 ? -3.961  -5.664  9.329   1.00 36.31 ? 10  DG  A N1    1 
ATOM   199 C C2    . DG  A 1 10 ? -4.835  -6.429  8.574   1.00 19.40 ? 10  DG  A C2    1 
ATOM   200 N N2    . DG  A 1 10 ? -4.388  -7.550  8.026   1.00 21.07 ? 10  DG  A N2    1 
ATOM   201 N N3    . DG  A 1 10 ? -6.090  -6.064  8.424   1.00 32.33 ? 10  DG  A N3    1 
ATOM   202 C C4    . DG  A 1 10 ? -6.378  -4.915  9.098   1.00 33.55 ? 10  DG  A C4    1 
ATOM   203 P P     . DC  A 1 11 ? -12.014 -7.783  7.657   1.00 56.41 ? 11  DC  A P     1 
ATOM   204 O OP1   . DC  A 1 11 ? -13.164 -7.240  6.865   1.00 55.86 ? 11  DC  A OP1   1 
ATOM   205 O OP2   . DC  A 1 11 ? -12.501 -8.280  9.097   1.00 60.48 ? 11  DC  A OP2   1 
ATOM   206 O "O5'" . DC  A 1 11 ? -11.212 -8.913  6.918   1.00 54.44 ? 11  DC  A "O5'" 1 
ATOM   207 C "C5'" . DC  A 1 11 ? -10.418 -8.905  5.742   1.00 39.13 ? 11  DC  A "C5'" 1 
ATOM   208 C "C4'" . DC  A 1 11 ? -9.245  -9.854  5.914   1.00 50.97 ? 11  DC  A "C4'" 1 
ATOM   209 O "O4'" . DC  A 1 11 ? -8.182  -9.403  6.730   1.00 41.13 ? 11  DC  A "O4'" 1 
ATOM   210 C "C3'" . DC  A 1 11 ? -9.662  -11.210 6.509   1.00 28.47 ? 11  DC  A "C3'" 1 
ATOM   211 O "O3'" . DC  A 1 11 ? -9.044  -12.265 5.785   1.00 42.65 ? 11  DC  A "O3'" 1 
ATOM   212 C "C2'" . DC  A 1 11 ? -9.282  -11.069 7.971   1.00 34.19 ? 11  DC  A "C2'" 1 
ATOM   213 C "C1'" . DC  A 1 11 ? -8.049  -10.230 7.920   1.00 26.16 ? 11  DC  A "C1'" 1 
ATOM   214 N N1    . DC  A 1 11 ? -7.917  -9.354  9.104   1.00 27.12 ? 11  DC  A N1    1 
ATOM   215 C C2    . DC  A 1 11 ? -6.661  -9.227  9.676   1.00 23.99 ? 11  DC  A C2    1 
ATOM   216 O O2    . DC  A 1 11 ? -5.728  -9.834  9.161   1.00 28.62 ? 11  DC  A O2    1 
ATOM   217 N N3    . DC  A 1 11 ? -6.538  -8.392  10.741  1.00 15.04 ? 11  DC  A N3    1 
ATOM   218 C C4    . DC  A 1 11 ? -7.563  -7.691  11.257  1.00 22.83 ? 11  DC  A C4    1 
ATOM   219 N N4    . DC  A 1 11 ? -7.383  -6.905  12.334  1.00 32.92 ? 11  DC  A N4    1 
ATOM   220 C C5    . DC  A 1 11 ? -8.850  -7.858  10.710  1.00 45.00 ? 11  DC  A C5    1 
ATOM   221 C C6    . DC  A 1 11 ? -8.958  -8.677  9.647   1.00 25.59 ? 11  DC  A C6    1 
ATOM   222 P P     . DG  A 1 12 ? -9.402  -13.899 5.907   1.00 45.30 ? 12  DG  A P     1 
ATOM   223 O OP1   . DG  A 1 12 ? -8.950  -14.588 4.682   1.00 50.77 ? 12  DG  A OP1   1 
ATOM   224 O OP2   . DG  A 1 12 ? -10.925 -14.064 6.301   1.00 49.09 ? 12  DG  A OP2   1 
ATOM   225 O "O5'" . DG  A 1 12 ? -8.643  -14.419 7.213   1.00 64.05 ? 12  DG  A "O5'" 1 
ATOM   226 C "C5'" . DG  A 1 12 ? -7.261  -14.823 7.134   1.00 37.76 ? 12  DG  A "C5'" 1 
ATOM   227 C "C4'" . DG  A 1 12 ? -6.777  -15.139 8.553   1.00 40.31 ? 12  DG  A "C4'" 1 
ATOM   228 O "O4'" . DG  A 1 12 ? -6.761  -13.887 9.297   1.00 24.32 ? 12  DG  A "O4'" 1 
ATOM   229 C "C3'" . DG  A 1 12 ? -7.673  -16.103 9.319   1.00 29.98 ? 12  DG  A "C3'" 1 
ATOM   230 O "O3'" . DG  A 1 12 ? -7.240  -17.444 9.064   1.00 31.78 ? 12  DG  A "O3'" 1 
ATOM   231 C "C2'" . DG  A 1 12 ? -7.579  -15.604 10.742  1.00 29.02 ? 12  DG  A "C2'" 1 
ATOM   232 C "C1'" . DG  A 1 12 ? -6.882  -14.220 10.681  1.00 36.29 ? 12  DG  A "C1'" 1 
ATOM   233 N N9    . DG  A 1 12 ? -7.566  -13.066 11.317  1.00 37.23 ? 12  DG  A N9    1 
ATOM   234 C C8    . DG  A 1 12 ? -8.850  -12.560 11.287  1.00 40.97 ? 12  DG  A C8    1 
ATOM   235 N N7    . DG  A 1 12 ? -9.065  -11.493 12.027  1.00 24.36 ? 12  DG  A N7    1 
ATOM   236 C C5    . DG  A 1 12 ? -7.814  -11.257 12.595  1.00 36.10 ? 12  DG  A C5    1 
ATOM   237 C C6    . DG  A 1 12 ? -7.376  -10.236 13.490  1.00 39.33 ? 12  DG  A C6    1 
ATOM   238 O O6    . DG  A 1 12 ? -7.985  -9.288  14.007  1.00 35.94 ? 12  DG  A O6    1 
ATOM   239 N N1    . DG  A 1 12 ? -6.003  -10.392 13.747  1.00 25.18 ? 12  DG  A N1    1 
ATOM   240 C C2    . DG  A 1 12 ? -5.183  -11.415 13.280  1.00 29.80 ? 12  DG  A C2    1 
ATOM   241 N N2    . DG  A 1 12 ? -3.922  -11.382 13.695  1.00 33.14 ? 12  DG  A N2    1 
ATOM   242 N N3    . DG  A 1 12 ? -5.577  -12.359 12.441  1.00 42.56 ? 12  DG  A N3    1 
ATOM   243 C C4    . DG  A 1 12 ? -6.904  -12.207 12.163  1.00 37.72 ? 12  DG  A C4    1 
ATOM   244 O "O5'" . DC  B 1 1  ? -1.732  -4.641  20.083  1.00 60.78 ? 13  DC  B "O5'" 1 
ATOM   245 C "C5'" . DC  B 1 1  ? -1.720  -5.985  20.555  1.00 62.85 ? 13  DC  B "C5'" 1 
ATOM   246 C "C4'" . DC  B 1 1  ? -1.269  -6.875  19.422  1.00 52.67 ? 13  DC  B "C4'" 1 
ATOM   247 O "O4'" . DC  B 1 1  ? -2.268  -7.667  18.832  1.00 45.45 ? 13  DC  B "O4'" 1 
ATOM   248 C "C3'" . DC  B 1 1  ? -0.518  -6.223  18.261  1.00 49.23 ? 13  DC  B "C3'" 1 
ATOM   249 O "O3'" . DC  B 1 1  ? 0.570   -7.006  17.776  1.00 52.11 ? 13  DC  B "O3'" 1 
ATOM   250 C "C2'" . DC  B 1 1  ? -1.639  -6.095  17.229  1.00 39.97 ? 13  DC  B "C2'" 1 
ATOM   251 C "C1'" . DC  B 1 1  ? -2.432  -7.347  17.431  1.00 47.46 ? 13  DC  B "C1'" 1 
ATOM   252 N N1    . DC  B 1 1  ? -3.846  -7.243  17.006  1.00 45.23 ? 13  DC  B N1    1 
ATOM   253 C C2    . DC  B 1 1  ? -4.266  -8.054  15.961  1.00 39.27 ? 13  DC  B C2    1 
ATOM   254 O O2    . DC  B 1 1  ? -3.438  -8.827  15.478  1.00 37.05 ? 13  DC  B O2    1 
ATOM   255 N N3    . DC  B 1 1  ? -5.559  -7.980  15.527  1.00 38.30 ? 13  DC  B N3    1 
ATOM   256 C C4    . DC  B 1 1  ? -6.460  -7.152  16.098  1.00 66.70 ? 13  DC  B C4    1 
ATOM   257 N N4    . DC  B 1 1  ? -7.730  -7.117  15.653  1.00 71.54 ? 13  DC  B N4    1 
ATOM   258 C C5    . DC  B 1 1  ? -6.019  -6.328  17.156  1.00 39.98 ? 13  DC  B C5    1 
ATOM   259 C C6    . DC  B 1 1  ? -4.746  -6.384  17.557  1.00 40.61 ? 13  DC  B C6    1 
ATOM   260 P P     . DG  B 1 2  ? 2.169   -6.575  17.497  1.00 54.30 ? 14  DG  B P     1 
ATOM   261 O OP1   . DG  B 1 2  ? 2.992   -6.788  18.714  1.00 71.71 ? 14  DG  B OP1   1 
ATOM   262 O OP2   . DG  B 1 2  ? 2.187   -5.107  16.901  1.00 45.80 ? 14  DG  B OP2   1 
ATOM   263 O "O5'" . DG  B 1 2  ? 2.734   -7.472  16.295  1.00 45.69 ? 14  DG  B "O5'" 1 
ATOM   264 C "C5'" . DG  B 1 2  ? 2.650   -8.901  16.317  1.00 61.09 ? 14  DG  B "C5'" 1 
ATOM   265 C "C4'" . DG  B 1 2  ? 2.488   -9.695  15.019  1.00 35.05 ? 14  DG  B "C4'" 1 
ATOM   266 O "O4'" . DG  B 1 2  ? 1.080   -9.823  14.633  1.00 35.83 ? 14  DG  B "O4'" 1 
ATOM   267 C "C3'" . DG  B 1 2  ? 3.240   -9.082  13.833  1.00 23.74 ? 14  DG  B "C3'" 1 
ATOM   268 O "O3'" . DG  B 1 2  ? 4.044   -10.075 13.238  1.00 37.50 ? 14  DG  B "O3'" 1 
ATOM   269 C "C2'" . DG  B 1 2  ? 2.121   -8.493  13.006  1.00 43.02 ? 14  DG  B "C2'" 1 
ATOM   270 C "C1'" . DG  B 1 2  ? 0.814   -9.251  13.356  1.00 41.76 ? 14  DG  B "C1'" 1 
ATOM   271 N N9    . DG  B 1 2  ? -0.377  -8.355  13.349  1.00 32.50 ? 14  DG  B N9    1 
ATOM   272 C C8    . DG  B 1 2  ? -0.491  -7.119  13.964  1.00 16.83 ? 14  DG  B C8    1 
ATOM   273 N N7    . DG  B 1 2  ? -1.639  -6.534  13.770  1.00 26.56 ? 14  DG  B N7    1 
ATOM   274 C C5    . DG  B 1 2  ? -2.321  -7.395  12.915  1.00 19.02 ? 14  DG  B C5    1 
ATOM   275 C C6    . DG  B 1 2  ? -3.633  -7.278  12.378  1.00 25.69 ? 14  DG  B C6    1 
ATOM   276 O O6    . DG  B 1 2  ? -4.423  -6.347  12.575  1.00 21.87 ? 14  DG  B O6    1 
ATOM   277 N N1    . DG  B 1 2  ? -3.918  -8.403  11.593  1.00 19.18 ? 14  DG  B N1    1 
ATOM   278 C C2    . DG  B 1 2  ? -3.086  -9.482  11.347  1.00 24.60 ? 14  DG  B C2    1 
ATOM   279 N N2    . DG  B 1 2  ? -3.545  -10.476 10.596  1.00 20.51 ? 14  DG  B N2    1 
ATOM   280 N N3    . DG  B 1 2  ? -1.882  -9.577  11.877  1.00 38.15 ? 14  DG  B N3    1 
ATOM   281 C C4    . DG  B 1 2  ? -1.556  -8.511  12.657  1.00 24.16 ? 14  DG  B C4    1 
ATOM   282 P P     . DC  B 1 3  ? 5.024   -9.961  11.869  1.00 43.50 ? 15  DC  B P     1 
ATOM   283 O OP1   . DC  B 1 3  ? 6.017   -11.090 11.850  1.00 46.14 ? 15  DC  B OP1   1 
ATOM   284 O OP2   . DC  B 1 3  ? 5.569   -8.479  11.866  1.00 47.66 ? 15  DC  B OP2   1 
ATOM   285 O "O5'" . DC  B 1 3  ? 4.004   -10.052 10.662  1.00 44.52 ? 15  DC  B "O5'" 1 
ATOM   286 C "C5'" . DC  B 1 3  ? 3.376   -11.252 10.243  1.00 40.59 ? 15  DC  B "C5'" 1 
ATOM   287 C "C4'" . DC  B 1 3  ? 2.184   -10.845 9.410   1.00 31.44 ? 15  DC  B "C4'" 1 
ATOM   288 O "O4'" . DC  B 1 3  ? 1.271   -9.969  10.006  1.00 26.93 ? 15  DC  B "O4'" 1 
ATOM   289 C "C3'" . DC  B 1 3  ? 2.581   -10.120 8.107   1.00 46.87 ? 15  DC  B "C3'" 1 
ATOM   290 O "O3'" . DC  B 1 3  ? 3.337   -11.076 7.384   1.00 40.06 ? 15  DC  B "O3'" 1 
ATOM   291 C "C2'" . DC  B 1 3  ? 1.219   -9.626  7.677   1.00 37.25 ? 15  DC  B "C2'" 1 
ATOM   292 C "C1'" . DC  B 1 3  ? 0.481   -9.362  8.941   1.00 28.72 ? 15  DC  B "C1'" 1 
ATOM   293 N N1    . DC  B 1 3  ? 0.340   -7.957  9.374   1.00 27.53 ? 15  DC  B N1    1 
ATOM   294 C C2    . DC  B 1 3  ? -0.946  -7.444  9.281   1.00 19.47 ? 15  DC  B C2    1 
ATOM   295 O O2    . DC  B 1 3  ? -1.772  -8.211  8.786   1.00 25.59 ? 15  DC  B O2    1 
ATOM   296 N N3    . DC  B 1 3  ? -1.114  -6.169  9.727   1.00 21.41 ? 15  DC  B N3    1 
ATOM   297 C C4    . DC  B 1 3  ? -0.136  -5.403  10.269  1.00 24.49 ? 15  DC  B C4    1 
ATOM   298 N N4    . DC  B 1 3  ? -0.366  -4.144  10.697  1.00 26.64 ? 15  DC  B N4    1 
ATOM   299 C C5    . DC  B 1 3  ? 1.164   -5.950  10.385  1.00 18.94 ? 15  DC  B C5    1 
ATOM   300 C C6    . DC  B 1 3  ? 1.334   -7.197  9.899   1.00 25.99 ? 15  DC  B C6    1 
ATOM   301 P P     . DA  B 1 4  ? 3.832   -11.049 5.789   1.00 34.26 ? 16  DA  B P     1 
ATOM   302 O OP1   . DA  B 1 4  ? 4.755   -12.161 5.497   1.00 36.18 ? 16  DA  B OP1   1 
ATOM   303 O OP2   . DA  B 1 4  ? 4.540   -9.618  5.586   1.00 50.90 ? 16  DA  B OP2   1 
ATOM   304 O "O5'" . DA  B 1 4  ? 2.524   -10.999 4.930   1.00 36.11 ? 16  DA  B "O5'" 1 
ATOM   305 C "C5'" . DA  B 1 4  ? 1.456   -11.976 5.053   1.00 50.86 ? 16  DA  B "C5'" 1 
ATOM   306 C "C4'" . DA  B 1 4  ? 0.330   -11.413 4.204   1.00 25.25 ? 16  DA  B "C4'" 1 
ATOM   307 O "O4'" . DA  B 1 4  ? -0.273  -10.330 4.862   1.00 32.93 ? 16  DA  B "O4'" 1 
ATOM   308 C "C3'" . DA  B 1 4  ? 0.784   -10.932 2.800   1.00 25.69 ? 16  DA  B "C3'" 1 
ATOM   309 O "O3'" . DA  B 1 4  ? -0.153  -11.555 1.923   1.00 33.93 ? 16  DA  B "O3'" 1 
ATOM   310 C "C2'" . DA  B 1 4  ? 0.740   -9.427  2.967   1.00 35.23 ? 16  DA  B "C2'" 1 
ATOM   311 C "C1'" . DA  B 1 4  ? -0.259  -9.145  4.062   1.00 22.90 ? 16  DA  B "C1'" 1 
ATOM   312 N N9    . DA  B 1 4  ? 0.126   -7.936  4.815   1.00 15.30 ? 16  DA  B N9    1 
ATOM   313 C C8    . DA  B 1 4  ? 1.346   -7.406  5.099   1.00 19.11 ? 16  DA  B C8    1 
ATOM   314 N N7    . DA  B 1 4  ? 1.321   -6.288  5.808   1.00 21.87 ? 16  DA  B N7    1 
ATOM   315 C C5    . DA  B 1 4  ? -0.066  -6.065  5.949   1.00 13.58 ? 16  DA  B C5    1 
ATOM   316 C C6    . DA  B 1 4  ? -0.771  -5.023  6.591   1.00 23.56 ? 16  DA  B C6    1 
ATOM   317 N N6    . DA  B 1 4  ? -0.201  -3.979  7.202   1.00 16.91 ? 16  DA  B N6    1 
ATOM   318 N N1    . DA  B 1 4  ? -2.126  -5.146  6.507   1.00 20.10 ? 16  DA  B N1    1 
ATOM   319 C C2    . DA  B 1 4  ? -2.727  -6.157  5.840   1.00 14.80 ? 16  DA  B C2    1 
ATOM   320 N N3    . DA  B 1 4  ? -2.144  -7.196  5.230   1.00 17.38 ? 16  DA  B N3    1 
ATOM   321 C C4    . DA  B 1 4  ? -0.794  -7.062  5.339   1.00 16.75 ? 16  DA  B C4    1 
ATOM   322 P P     . DI  B 1 5  ? -0.613  -11.169 0.353   1.00 42.59 ? 17  DI  B P     1 
ATOM   323 O OP1   . DI  B 1 5  ? -0.794  -12.366 -0.493  1.00 43.78 ? 17  DI  B OP1   1 
ATOM   324 O OP2   . DI  B 1 5  ? 0.484   -10.169 -0.237  1.00 47.99 ? 17  DI  B OP2   1 
ATOM   325 O "O5'" . DI  B 1 5  ? -1.932  -10.290 0.476   1.00 33.05 ? 17  DI  B "O5'" 1 
ATOM   326 C "C5'" . DI  B 1 5  ? -2.973  -10.441 1.448   1.00 36.39 ? 17  DI  B "C5'" 1 
ATOM   327 C "C4'" . DI  B 1 5  ? -4.105  -9.441  1.246   1.00 29.63 ? 17  DI  B "C4'" 1 
ATOM   328 O "O4'" . DI  B 1 5  ? -3.839  -8.260  2.063   1.00 35.37 ? 17  DI  B "O4'" 1 
ATOM   329 C "C3'" . DI  B 1 5  ? -4.234  -8.961  -0.199  1.00 39.03 ? 17  DI  B "C3'" 1 
ATOM   330 O "O3'" . DI  B 1 5  ? -5.571  -8.611  -0.460  1.00 61.29 ? 17  DI  B "O3'" 1 
ATOM   331 C "C2'" . DI  B 1 5  ? -3.217  -7.833  -0.220  1.00 46.56 ? 17  DI  B "C2'" 1 
ATOM   332 C "C1'" . DI  B 1 5  ? -3.464  -7.201  1.186   1.00 35.74 ? 17  DI  B "C1'" 1 
ATOM   333 N N9    . DI  B 1 5  ? -2.260  -6.505  1.670   1.00 27.47 ? 17  DI  B N9    1 
ATOM   334 C C8    . DI  B 1 5  ? -0.921  -6.785  1.461   1.00 19.88 ? 17  DI  B C8    1 
ATOM   335 N N7    . DI  B 1 5  ? -0.093  -5.930  2.019   1.00 24.86 ? 17  DI  B N7    1 
ATOM   336 C C5    . DI  B 1 5  ? -0.984  -5.018  2.595   1.00 16.23 ? 17  DI  B C5    1 
ATOM   337 C C6    . DI  B 1 5  ? -0.702  -3.850  3.348   1.00 20.45 ? 17  DI  B C6    1 
ATOM   338 O O6    . DI  B 1 5  ? 0.429   -3.444  3.629   1.00 21.02 ? 17  DI  B O6    1 
ATOM   339 N N1    . DI  B 1 5  ? -1.931  -3.281  3.694   1.00 27.00 ? 17  DI  B N1    1 
ATOM   340 C C2    . DI  B 1 5  ? -3.228  -3.679  3.438   1.00 12.27 ? 17  DI  B C2    1 
ATOM   341 N N3    . DI  B 1 5  ? -3.497  -4.785  2.768   1.00 11.87 ? 17  DI  B N3    1 
ATOM   342 C C4    . DI  B 1 5  ? -2.313  -5.343  2.399   1.00 14.86 ? 17  DI  B C4    1 
ATOM   343 P P     . DA  B 1 6  ? -6.294  -8.033  -1.865  1.00 44.18 ? 18  DA  B P     1 
ATOM   344 O OP1   . DA  B 1 6  ? -7.295  -8.986  -2.392  1.00 47.52 ? 18  DA  B OP1   1 
ATOM   345 O OP2   . DA  B 1 6  ? -5.128  -7.879  -2.955  1.00 33.31 ? 18  DA  B OP2   1 
ATOM   346 O "O5'" . DA  B 1 6  ? -6.780  -6.579  -1.509  1.00 41.99 ? 18  DA  B "O5'" 1 
ATOM   347 C "C5'" . DA  B 1 6  ? -7.379  -6.158  -0.255  1.00 44.60 ? 18  DA  B "C5'" 1 
ATOM   348 C "C4'" . DA  B 1 6  ? -7.017  -4.688  -0.102  1.00 51.35 ? 18  DA  B "C4'" 1 
ATOM   349 O "O4'" . DA  B 1 6  ? -5.711  -4.486  0.376   1.00 41.25 ? 18  DA  B "O4'" 1 
ATOM   350 C "C3'" . DA  B 1 6  ? -7.128  -3.901  -1.435  1.00 61.02 ? 18  DA  B "C3'" 1 
ATOM   351 O "O3'" . DA  B 1 6  ? -8.345  -3.144  -1.299  1.00 64.25 ? 18  DA  B "O3'" 1 
ATOM   352 C "C2'" . DA  B 1 6  ? -5.821  -3.128  -1.486  1.00 39.13 ? 18  DA  B "C2'" 1 
ATOM   353 C "C1'" . DA  B 1 6  ? -5.127  -3.286  -0.160  1.00 22.91 ? 18  DA  B "C1'" 1 
ATOM   354 N N9    . DA  B 1 6  ? -3.655  -3.335  -0.286  1.00 20.46 ? 18  DA  B N9    1 
ATOM   355 C C8    . DA  B 1 6  ? -2.905  -4.260  -0.966  1.00 16.18 ? 18  DA  B C8    1 
ATOM   356 N N7    . DA  B 1 6  ? -1.590  -4.105  -0.905  1.00 28.26 ? 18  DA  B N7    1 
ATOM   357 C C5    . DA  B 1 6  ? -1.515  -2.947  -0.080  1.00 32.10 ? 18  DA  B C5    1 
ATOM   358 C C6    . DA  B 1 6  ? -0.350  -2.270  0.354   1.00 18.22 ? 18  DA  B C6    1 
ATOM   359 N N6    . DA  B 1 6  ? 0.870   -2.734  0.016   1.00 21.26 ? 18  DA  B N6    1 
ATOM   360 N N1    . DA  B 1 6  ? -0.602  -1.177  1.137   1.00 19.48 ? 18  DA  B N1    1 
ATOM   361 C C2    . DA  B 1 6  ? -1.862  -0.797  1.492   1.00 12.39 ? 18  DA  B C2    1 
ATOM   362 N N3    . DA  B 1 6  ? -3.008  -1.385  1.110   1.00 14.91 ? 18  DA  B N3    1 
ATOM   363 C C4    . DA  B 1 6  ? -2.753  -2.460  0.292   1.00 26.06 ? 18  DA  B C4    1 
ATOM   364 P P     . DT  B 1 7  ? -9.003  -2.024  -2.387  1.00 42.61 ? 19  DT  B P     1 
ATOM   365 O OP1   . DT  B 1 7  ? -10.491 -2.040  -2.211  1.00 66.59 ? 19  DT  B OP1   1 
ATOM   366 O OP2   . DT  B 1 7  ? -8.715  -2.494  -3.834  1.00 36.94 ? 19  DT  B OP2   1 
ATOM   367 O "O5'" . DT  B 1 7  ? -8.330  -0.623  -2.123  1.00 43.75 ? 19  DT  B "O5'" 1 
ATOM   368 C "C5'" . DT  B 1 7  ? -8.274  -0.081  -0.769  1.00 60.82 ? 19  DT  B "C5'" 1 
ATOM   369 C "C4'" . DT  B 1 7  ? -7.179  0.968   -0.671  1.00 40.98 ? 19  DT  B "C4'" 1 
ATOM   370 O "O4'" . DT  B 1 7  ? -5.901  0.421   -0.569  1.00 35.95 ? 19  DT  B "O4'" 1 
ATOM   371 C "C3'" . DT  B 1 7  ? -7.172  1.912   -1.911  1.00 61.32 ? 19  DT  B "C3'" 1 
ATOM   372 O "O3'" . DT  B 1 7  ? -7.687  3.115   -1.381  1.00 39.34 ? 19  DT  B "O3'" 1 
ATOM   373 C "C2'" . DT  B 1 7  ? -5.737  1.870   -2.392  1.00 58.53 ? 19  DT  B "C2'" 1 
ATOM   374 C "C1'" . DT  B 1 7  ? -4.938  1.281   -1.249  1.00 41.75 ? 19  DT  B "C1'" 1 
ATOM   375 N N1    . DT  B 1 7  ? -3.715  0.615   -1.727  1.00 19.90 ? 19  DT  B N1    1 
ATOM   376 C C2    . DT  B 1 7  ? -2.487  1.097   -1.258  1.00 17.85 ? 19  DT  B C2    1 
ATOM   377 O O2    . DT  B 1 7  ? -2.375  2.020   -0.420  1.00 19.42 ? 19  DT  B O2    1 
ATOM   378 N N3    . DT  B 1 7  ? -1.371  0.434   -1.692  1.00 12.42 ? 19  DT  B N3    1 
ATOM   379 C C4    . DT  B 1 7  ? -1.337  -0.585  -2.573  1.00 30.17 ? 19  DT  B C4    1 
ATOM   380 O O4    . DT  B 1 7  ? -0.181  -1.067  -2.839  1.00 22.73 ? 19  DT  B O4    1 
ATOM   381 C C5    . DT  B 1 7  ? -2.595  -1.045  -3.048  1.00 21.51 ? 19  DT  B C5    1 
ATOM   382 C C7    . DT  B 1 7  ? -2.787  -2.182  -4.019  1.00 14.61 ? 19  DT  B C7    1 
ATOM   383 C C6    . DT  B 1 7  ? -3.722  -0.427  -2.612  1.00 21.37 ? 19  DT  B C6    1 
HETATM 384 N N1    . 5CM B 1 8  ? -2.076  4.524   -2.966  1.00 25.08 ? 20  5CM B N1    1 
HETATM 385 C C2    . 5CM B 1 8  ? -0.691  4.328   -2.980  1.00 22.79 ? 20  5CM B C2    1 
HETATM 386 N N3    . 5CM B 1 8  ? -0.172  3.340   -3.780  1.00 20.96 ? 20  5CM B N3    1 
HETATM 387 C C4    . 5CM B 1 8  ? -1.023  2.585   -4.503  1.00 22.35 ? 20  5CM B C4    1 
HETATM 388 C C5    . 5CM B 1 8  ? -2.451  2.770   -4.511  1.00 17.83 ? 20  5CM B C5    1 
HETATM 389 C C5A   . 5CM B 1 8  ? -3.458  1.943   -5.331  1.00 23.11 ? 20  5CM B C5A   1 
HETATM 390 C C6    . 5CM B 1 8  ? -2.930  3.755   -3.715  1.00 26.75 ? 20  5CM B C6    1 
HETATM 391 O O2    . 5CM B 1 8  ? -0.037  5.096   -2.254  1.00 21.27 ? 20  5CM B O2    1 
HETATM 392 N N4    . 5CM B 1 8  ? -0.552  1.637   -5.294  1.00 26.19 ? 20  5CM B N4    1 
HETATM 393 C "C1'" . 5CM B 1 8  ? -2.643  5.533   -2.068  1.00 25.37 ? 20  5CM B "C1'" 1 
HETATM 394 C "C2'" . 5CM B 1 8  ? -3.351  6.712   -2.667  1.00 34.37 ? 20  5CM B "C2'" 1 
HETATM 395 C "C3'" . 5CM B 1 8  ? -4.255  7.196   -1.549  1.00 40.69 ? 20  5CM B "C3'" 1 
HETATM 396 C "C4'" . 5CM B 1 8  ? -4.445  5.931   -0.677  1.00 30.46 ? 20  5CM B "C4'" 1 
HETATM 397 O "O4'" . 5CM B 1 8  ? -3.660  4.881   -1.257  1.00 22.71 ? 20  5CM B "O4'" 1 
HETATM 398 O "O3'" . 5CM B 1 8  ? -3.875  8.211   -0.614  1.00 56.75 ? 20  5CM B "O3'" 1 
HETATM 399 C "C5'" . 5CM B 1 8  ? -5.901  5.546   -0.558  1.00 41.32 ? 20  5CM B "C5'" 1 
HETATM 400 O "O5'" . 5CM B 1 8  ? -6.375  5.244   -1.906  1.00 61.69 ? 20  5CM B "O5'" 1 
HETATM 401 P P     . 5CM B 1 8  ? -7.818  4.609   -2.187  1.00 48.11 ? 20  5CM B P     1 
HETATM 402 O OP1   . 5CM B 1 8  ? -8.950  5.408   -1.647  1.00 54.60 ? 20  5CM B OP1   1 
HETATM 403 O OP2   . 5CM B 1 8  ? -7.901  4.342   -3.685  1.00 60.04 ? 20  5CM B OP2   1 
ATOM   404 P P     . DT  B 1 9  ? -3.312  9.754   -0.985  1.00 47.47 ? 21  DT  B P     1 
ATOM   405 O OP1   . DT  B 1 9  ? -3.343  10.598  0.249   1.00 42.44 ? 21  DT  B OP1   1 
ATOM   406 O OP2   . DT  B 1 9  ? -4.272  10.350  -2.055  1.00 52.42 ? 21  DT  B OP2   1 
ATOM   407 O "O5'" . DT  B 1 9  ? -1.883  9.508   -1.616  1.00 53.01 ? 21  DT  B "O5'" 1 
ATOM   408 C "C5'" . DT  B 1 9  ? -0.766  9.280   -0.710  1.00 54.69 ? 21  DT  B "C5'" 1 
ATOM   409 C "C4'" . DT  B 1 9  ? 0.479   9.375   -1.581  1.00 26.88 ? 21  DT  B "C4'" 1 
ATOM   410 O "O4'" . DT  B 1 9  ? 0.595   8.238   -2.354  1.00 30.73 ? 21  DT  B "O4'" 1 
ATOM   411 C "C3'" . DT  B 1 9  ? 0.464   10.608  -2.530  1.00 53.83 ? 21  DT  B "C3'" 1 
ATOM   412 O "O3'" . DT  B 1 9  ? 1.416   11.455  -1.918  1.00 68.20 ? 21  DT  B "O3'" 1 
ATOM   413 C "C2'" . DT  B 1 9  ? 0.775   10.032  -3.887  1.00 29.75 ? 21  DT  B "C2'" 1 
ATOM   414 C "C1'" . DT  B 1 9  ? 1.104   8.578   -3.683  1.00 49.54 ? 21  DT  B "C1'" 1 
ATOM   415 N N1    . DT  B 1 9  ? 0.525   7.626   -4.644  1.00 33.34 ? 21  DT  B N1    1 
ATOM   416 C C2    . DT  B 1 9  ? 1.429   6.599   -4.973  1.00 32.89 ? 21  DT  B C2    1 
ATOM   417 O O2    . DT  B 1 9  ? 2.571   6.697   -4.492  1.00 24.05 ? 21  DT  B O2    1 
ATOM   418 N N3    . DT  B 1 9  ? 0.918   5.660   -5.826  1.00 34.19 ? 21  DT  B N3    1 
ATOM   419 C C4    . DT  B 1 9  ? -0.348  5.636   -6.317  1.00 27.68 ? 21  DT  B C4    1 
ATOM   420 O O4    . DT  B 1 9  ? -0.628  4.668   -7.097  1.00 32.77 ? 21  DT  B O4    1 
ATOM   421 C C5    . DT  B 1 9  ? -1.253  6.677   -5.969  1.00 37.12 ? 21  DT  B C5    1 
ATOM   422 C C7    . DT  B 1 9  ? -2.689  6.808   -6.437  1.00 33.00 ? 21  DT  B C7    1 
ATOM   423 C C6    . DT  B 1 9  ? -0.749  7.618   -5.131  1.00 47.53 ? 21  DT  B C6    1 
ATOM   424 P P     . DG  B 1 10 ? 1.742   13.076  -2.244  1.00 51.42 ? 22  DG  B P     1 
ATOM   425 O OP1   . DG  B 1 10 ? 2.132   13.783  -1.007  1.00 67.88 ? 22  DG  B OP1   1 
ATOM   426 O OP2   . DG  B 1 10 ? 0.501   13.724  -2.978  1.00 42.37 ? 22  DG  B OP2   1 
ATOM   427 O "O5'" . DG  B 1 10 ? 2.919   13.069  -3.323  1.00 60.21 ? 22  DG  B "O5'" 1 
ATOM   428 C "C5'" . DG  B 1 10 ? 4.017   12.146  -3.319  1.00 40.65 ? 22  DG  B "C5'" 1 
ATOM   429 C "C4'" . DG  B 1 10 ? 4.551   11.775  -4.704  1.00 59.03 ? 22  DG  B "C4'" 1 
ATOM   430 O "O4'" . DG  B 1 10 ? 3.866   10.592  -5.243  1.00 41.08 ? 22  DG  B "O4'" 1 
ATOM   431 C "C3'" . DG  B 1 10 ? 4.398   12.855  -5.775  1.00 47.71 ? 22  DG  B "C3'" 1 
ATOM   432 O "O3'" . DG  B 1 10 ? 5.564   12.933  -6.564  1.00 50.50 ? 22  DG  B "O3'" 1 
ATOM   433 C "C2'" . DG  B 1 10 ? 3.179   12.397  -6.568  1.00 39.65 ? 22  DG  B "C2'" 1 
ATOM   434 C "C1'" . DG  B 1 10 ? 3.569   10.887  -6.612  1.00 36.59 ? 22  DG  B "C1'" 1 
ATOM   435 N N9    . DG  B 1 10 ? 2.524   10.021  -7.190  1.00 54.84 ? 22  DG  B N9    1 
ATOM   436 C C8    . DG  B 1 10 ? 1.164   10.249  -7.334  1.00 25.82 ? 22  DG  B C8    1 
ATOM   437 N N7    . DG  B 1 10 ? 0.547   9.259   -7.930  1.00 29.93 ? 22  DG  B N7    1 
ATOM   438 C C5    . DG  B 1 10 ? 1.562   8.341   -8.211  1.00 25.02 ? 22  DG  B C5    1 
ATOM   439 C C6    . DG  B 1 10 ? 1.516   7.080   -8.872  1.00 34.98 ? 22  DG  B C6    1 
ATOM   440 O O6    . DG  B 1 10 ? 0.506   6.533   -9.335  1.00 40.18 ? 22  DG  B O6    1 
ATOM   441 N N1    . DG  B 1 10 ? 2.785   6.492   -8.963  1.00 32.77 ? 22  DG  B N1    1 
ATOM   442 C C2    . DG  B 1 10 ? 3.978   7.046   -8.497  1.00 29.95 ? 22  DG  B C2    1 
ATOM   443 N N2    . DG  B 1 10 ? 5.054   6.290   -8.723  1.00 27.85 ? 22  DG  B N2    1 
ATOM   444 N N3    . DG  B 1 10 ? 4.026   8.212   -7.876  1.00 27.23 ? 22  DG  B N3    1 
ATOM   445 C C4    . DG  B 1 10 ? 2.794   8.801   -7.780  1.00 43.83 ? 22  DG  B C4    1 
ATOM   446 P P     . DC  B 1 11 ? 6.402   14.352  -6.932  1.00 56.08 ? 23  DC  B P     1 
ATOM   447 O OP1   . DC  B 1 11 ? 6.719   15.163  -5.706  1.00 63.11 ? 23  DC  B OP1   1 
ATOM   448 O OP2   . DC  B 1 11 ? 5.437   15.158  -7.914  1.00 41.12 ? 23  DC  B OP2   1 
ATOM   449 O "O5'" . DC  B 1 11 ? 7.667   13.790  -7.696  1.00 49.04 ? 23  DC  B "O5'" 1 
ATOM   450 C "C5'" . DC  B 1 11 ? 8.602   12.830  -7.234  1.00 41.32 ? 23  DC  B "C5'" 1 
ATOM   451 C "C4'" . DC  B 1 11 ? 8.729   11.684  -8.222  1.00 38.89 ? 23  DC  B "C4'" 1 
ATOM   452 O "O4'" . DC  B 1 11 ? 7.599   10.847  -8.244  1.00 32.33 ? 23  DC  B "O4'" 1 
ATOM   453 C "C3'" . DC  B 1 11 ? 8.977   12.106  -9.674  1.00 48.71 ? 23  DC  B "C3'" 1 
ATOM   454 O "O3'" . DC  B 1 11 ? 10.366  12.293  -9.995  1.00 49.53 ? 23  DC  B "O3'" 1 
ATOM   455 C "C2'" . DC  B 1 11 ? 8.310   11.003  -10.469 1.00 34.12 ? 23  DC  B "C2'" 1 
ATOM   456 C "C1'" . DC  B 1 11 ? 7.371   10.302  -9.572  1.00 35.95 ? 23  DC  B "C1'" 1 
ATOM   457 N N1    . DC  B 1 11 ? 5.965   10.481  -10.029 1.00 45.45 ? 23  DC  B N1    1 
ATOM   458 C C2    . DC  B 1 11 ? 5.451   9.421   -10.774 1.00 40.46 ? 23  DC  B C2    1 
ATOM   459 O O2    . DC  B 1 11 ? 6.186   8.468   -11.037 1.00 26.09 ? 23  DC  B O2    1 
ATOM   460 N N3    . DC  B 1 11 ? 4.144   9.523   -11.161 1.00 26.54 ? 23  DC  B N3    1 
ATOM   461 C C4    . DC  B 1 11 ? 3.374   10.592  -10.865 1.00 24.56 ? 23  DC  B C4    1 
ATOM   462 N N4    . DC  B 1 11 ? 2.095   10.596  -11.274 1.00 26.78 ? 23  DC  B N4    1 
ATOM   463 C C5    . DC  B 1 11 ? 3.882   11.676  -10.108 1.00 24.23 ? 23  DC  B C5    1 
ATOM   464 C C6    . DC  B 1 11 ? 5.172   11.549  -9.742  1.00 34.91 ? 23  DC  B C6    1 
ATOM   465 P P     . DG  B 1 12 ? 10.959  12.928  -11.454 1.00 39.37 ? 24  DG  B P     1 
ATOM   466 O OP1   . DG  B 1 12 ? 12.358  13.351  -11.258 1.00 64.90 ? 24  DG  B OP1   1 
ATOM   467 O OP2   . DG  B 1 12 ? 9.917   14.039  -11.892 1.00 39.84 ? 24  DG  B OP2   1 
ATOM   468 O "O5'" . DG  B 1 12 ? 10.838  11.784  -12.558 1.00 34.51 ? 24  DG  B "O5'" 1 
ATOM   469 C "C5'" . DG  B 1 12 ? 11.729  10.667  -12.650 1.00 37.50 ? 24  DG  B "C5'" 1 
ATOM   470 C "C4'" . DG  B 1 12 ? 11.224  9.668   -13.697 1.00 35.16 ? 24  DG  B "C4'" 1 
ATOM   471 O "O4'" . DG  B 1 12 ? 9.841   9.394   -13.357 1.00 30.07 ? 24  DG  B "O4'" 1 
ATOM   472 C "C3'" . DG  B 1 12 ? 11.218  10.171  -15.127 1.00 23.66 ? 24  DG  B "C3'" 1 
ATOM   473 O "O3'" . DG  B 1 12 ? 12.447  9.850   -15.762 1.00 36.54 ? 24  DG  B "O3'" 1 
ATOM   474 C "C2'" . DG  B 1 12 ? 10.028  9.482   -15.746 1.00 34.71 ? 24  DG  B "C2'" 1 
ATOM   475 C "C1'" . DG  B 1 12 ? 9.104   9.120   -14.563 1.00 58.87 ? 24  DG  B "C1'" 1 
ATOM   476 N N9    . DG  B 1 12 ? 7.806   9.834   -14.395 1.00 48.84 ? 24  DG  B N9    1 
ATOM   477 C C8    . DG  B 1 12 ? 7.533   11.063  -13.832 1.00 33.88 ? 24  DG  B C8    1 
ATOM   478 N N7    . DG  B 1 12 ? 6.277   11.438  -13.768 1.00 22.78 ? 24  DG  B N7    1 
ATOM   479 C C5    . DG  B 1 12 ? 5.649   10.334  -14.337 1.00 35.48 ? 24  DG  B C5    1 
ATOM   480 C C6    . DG  B 1 12 ? 4.255   10.139  -14.551 1.00 21.66 ? 24  DG  B C6    1 
ATOM   481 O O6    . DG  B 1 12 ? 3.311   10.881  -14.284 1.00 23.27 ? 24  DG  B O6    1 
ATOM   482 N N1    . DG  B 1 12 ? 4.049   8.910   -15.184 1.00 29.97 ? 24  DG  B N1    1 
ATOM   483 C C2    . DG  B 1 12 ? 5.022   7.974   -15.548 1.00 40.88 ? 24  DG  B C2    1 
ATOM   484 N N2    . DG  B 1 12 ? 4.496   6.881   -16.113 1.00 29.77 ? 24  DG  B N2    1 
ATOM   485 N N3    . DG  B 1 12 ? 6.313   8.152   -15.313 1.00 38.16 ? 24  DG  B N3    1 
ATOM   486 C C4    . DG  B 1 12 ? 6.555   9.358   -14.716 1.00 42.90 ? 24  DG  B C4    1 
HETATM 487 O O     . HOH C 2 .  ? 2.747   9.695   1.851   0.50 23.92 ? 26  HOH A O     1 
HETATM 488 O O     . HOH C 2 .  ? 5.938   -5.093  -13.905 1.00 25.38 ? 31  HOH A O     1 
HETATM 489 O O     . HOH C 2 .  ? -6.913  -5.713  3.999   1.00 32.26 ? 33  HOH A O     1 
HETATM 490 O O     . HOH C 2 .  ? 0.950   5.999   0.152   1.00 23.02 ? 34  HOH A O     1 
HETATM 491 O O     . HOH C 2 .  ? 10.629  -5.942  -9.572  1.00 36.43 ? 36  HOH A O     1 
HETATM 492 O O     . HOH C 2 .  ? 1.843   3.706   9.314   1.00 38.19 ? 38  HOH A O     1 
HETATM 493 O O     . HOH C 2 .  ? 5.854   -1.519  -0.141  1.00 24.79 ? 40  HOH A O     1 
HETATM 494 O O     . HOH C 2 .  ? 7.184   -1.180  2.544   1.00 19.61 ? 45  HOH A O     1 
HETATM 495 O O     . HOH C 2 .  ? -9.174  -4.611  13.092  1.00 32.43 ? 50  HOH A O     1 
HETATM 496 O O     . HOH C 2 .  ? -7.201  -2.379  13.947  1.00 35.87 ? 52  HOH A O     1 
HETATM 497 O O     . HOH C 2 .  ? 6.706   10.102  1.940   1.00 35.18 ? 58  HOH A O     1 
HETATM 498 O O     . HOH C 2 .  ? -13.208 -6.509  4.089   1.00 37.01 ? 59  HOH A O     1 
HETATM 499 O O     . HOH C 2 .  ? -6.221  -0.313  10.970  0.50 27.68 ? 61  HOH A O     1 
HETATM 500 O O     . HOH C 2 .  ? -2.417  1.627   -14.345 1.00 32.43 ? 64  HOH A O     1 
HETATM 501 O O     . HOH C 2 .  ? 3.819   -3.746  3.778   1.00 26.00 ? 65  HOH A O     1 
HETATM 502 O O     . HOH C 2 .  ? -6.799  7.824   4.720   1.00 41.71 ? 66  HOH A O     1 
HETATM 503 O O     . HOH C 2 .  ? 6.778   -3.773  -1.364  1.00 35.64 ? 68  HOH A O     1 
HETATM 504 O O     . HOH C 2 .  ? 14.276  3.020   -5.129  1.00 61.99 ? 69  HOH A O     1 
HETATM 505 O O     . HOH C 2 .  ? -4.109  0.365   -20.249 1.00 40.88 ? 70  HOH A O     1 
HETATM 506 O O     . HOH C 2 .  ? -6.318  -18.169 0.116   0.50 33.66 ? 72  HOH A O     1 
HETATM 507 O O     . HOH C 2 .  ? -11.837 5.823   8.633   0.50 33.57 ? 74  HOH A O     1 
HETATM 508 O O     . HOH C 2 .  ? 7.910   1.394   3.133   1.00 27.64 ? 75  HOH A O     1 
HETATM 509 O O     . HOH C 2 .  ? 13.699  -5.285  -11.640 1.00 49.53 ? 76  HOH A O     1 
HETATM 510 O O     . HOH C 2 .  ? 0.777   -4.501  -17.257 0.50 24.20 ? 77  HOH A O     1 
HETATM 511 O O     . HOH C 2 .  ? 14.855  -3.143  -3.837  0.50 28.52 ? 79  HOH A O     1 
HETATM 512 O O     . HOH C 2 .  ? -2.898  -3.418  13.887  1.00 31.63 ? 81  HOH A O     1 
HETATM 513 O O     . HOH C 2 .  ? 17.615  1.025   -6.560  1.00 56.35 ? 86  HOH A O     1 
HETATM 514 O O     . HOH C 2 .  ? 8.849   -8.986  -8.130  1.00 54.77 ? 89  HOH A O     1 
HETATM 515 O O     . HOH C 2 .  ? 9.977   -3.807  -6.938  0.50 25.90 ? 96  HOH A O     1 
HETATM 516 O O     . HOH C 2 .  ? -1.969  11.698  -11.934 1.00 36.49 ? 97  HOH A O     1 
HETATM 517 O O     . HOH C 2 .  ? -12.004 3.951   6.439   1.00 46.64 ? 100 HOH A O     1 
HETATM 518 O O     . HOH C 2 .  ? -8.349  3.838   13.053  1.00 46.61 ? 106 HOH A O     1 
HETATM 519 O O     . HOH C 2 .  ? -0.392  1.237   10.023  0.50 17.57 ? 107 HOH A O     1 
HETATM 520 O O     . HOH C 2 .  ? 6.572   0.896   7.314   0.50 19.29 ? 108 HOH A O     1 
HETATM 521 O O     . HOH C 2 .  ? 4.048   2.608   7.774   0.50 32.59 ? 109 HOH A O     1 
HETATM 522 O O     . HOH C 2 .  ? -2.195  2.299   -10.569 0.50 26.83 ? 110 HOH A O     1 
HETATM 523 O O     . HOH C 2 .  ? 7.585   6.729   -3.700  0.50 29.69 ? 111 HOH A O     1 
HETATM 524 O O     . HOH C 2 .  ? -5.925  1.629   13.188  0.50 33.61 ? 112 HOH A O     1 
HETATM 525 O O     . HOH C 2 .  ? -3.021  0.154   12.613  0.50 28.68 ? 113 HOH A O     1 
HETATM 526 O O     . HOH C 2 .  ? 7.125   -6.313  -8.643  0.50 28.36 ? 114 HOH A O     1 
HETATM 527 O O     . HOH C 2 .  ? 5.483   -9.120  -8.418  0.50 39.66 ? 115 HOH A O     1 
HETATM 528 O O     . HOH C 2 .  ? -15.201 2.938   5.274   0.50 41.58 ? 117 HOH A O     1 
HETATM 529 O O     . HOH D 2 .  ? 5.704   14.175  -12.894 1.00 42.44 ? 25  HOH B O     1 
HETATM 530 O O     . HOH D 2 .  ? 5.633   8.638   -4.137  1.00 27.78 ? 27  HOH B O     1 
HETATM 531 O O     . HOH D 2 .  ? -8.298  -4.281  17.180  1.00 22.53 ? 28  HOH B O     1 
HETATM 532 O O     . HOH D 2 .  ? -3.964  -16.560 -2.474  1.00 41.89 ? 29  HOH B O     1 
HETATM 533 O O     . HOH D 2 .  ? 2.230   -3.273  11.626  1.00 18.93 ? 30  HOH B O     1 
HETATM 534 O O     . HOH D 2 .  ? -3.707  7.626   -12.142 1.00 22.24 ? 32  HOH B O     1 
HETATM 535 O O     . HOH D 2 .  ? -9.968  4.737   1.888   1.00 48.91 ? 35  HOH B O     1 
HETATM 536 O O     . HOH D 2 .  ? 4.995   -5.159  12.783  0.50 33.03 ? 37  HOH B O     1 
HETATM 537 O O     . HOH D 2 .  ? 4.354   16.235  -1.862  1.00 33.50 ? 39  HOH B O     1 
HETATM 538 O O     . HOH D 2 .  ? 8.941   -7.984  12.640  1.00 36.16 ? 41  HOH B O     1 
HETATM 539 O O     . HOH D 2 .  ? -6.197  6.610   -5.267  1.00 28.50 ? 42  HOH B O     1 
HETATM 540 O O     . HOH D 2 .  ? -5.319  3.793   -8.327  0.50 37.61 ? 43  HOH B O     1 
HETATM 541 O O     . HOH D 2 .  ? 14.370  12.133  -5.895  1.00 34.79 ? 44  HOH B O     1 
HETATM 542 O O     . HOH D 2 .  ? 11.743  11.088  -5.240  1.00 34.45 ? 46  HOH B O     1 
HETATM 543 O O     . HOH D 2 .  ? -2.181  6.691   -10.043 1.00 28.08 ? 47  HOH B O     1 
HETATM 544 O O     . HOH D 2 .  ? 5.525   -6.040  7.886   0.50 27.51 ? 48  HOH B O     1 
HETATM 545 O O     . HOH D 2 .  ? 7.631   12.973  -3.479  1.00 23.99 ? 49  HOH B O     1 
HETATM 546 O O     . HOH D 2 .  ? -7.079  -6.291  24.333  1.00 46.27 ? 51  HOH B O     1 
HETATM 547 O O     . HOH D 2 .  ? 1.507   -1.848  -4.840  1.00 16.44 ? 53  HOH B O     1 
HETATM 548 O O     . HOH D 2 .  ? 9.160   10.250  -2.708  0.50 32.47 ? 54  HOH B O     1 
HETATM 549 O O     . HOH D 2 .  ? 11.834  19.933  -6.959  0.50 22.95 ? 55  HOH B O     1 
HETATM 550 O O     . HOH D 2 .  ? 9.882   11.656  -0.501  1.00 44.46 ? 56  HOH B O     1 
HETATM 551 O O     . HOH D 2 .  ? 9.099   8.931   -5.640  1.00 41.98 ? 57  HOH B O     1 
HETATM 552 O O     . HOH D 2 .  ? -7.899  -2.463  -9.279  1.00 35.26 ? 60  HOH B O     1 
HETATM 553 O O     . HOH D 2 .  ? 10.236  -6.214  14.634  1.00 37.48 ? 62  HOH B O     1 
HETATM 554 O O     . HOH D 2 .  ? -3.806  -9.712  -5.573  1.00 33.31 ? 63  HOH B O     1 
HETATM 555 O O     . HOH D 2 .  ? 8.283   -9.221  8.653   1.00 34.30 ? 67  HOH B O     1 
HETATM 556 O O     . HOH D 2 .  ? 1.677   12.468  -16.918 1.00 27.30 ? 71  HOH B O     1 
HETATM 557 O O     . HOH D 2 .  ? 5.810   -1.978  10.120  1.00 36.44 ? 73  HOH B O     1 
HETATM 558 O O     . HOH D 2 .  ? 10.949  6.162   -5.196  0.50 20.92 ? 78  HOH B O     1 
HETATM 559 O O     . HOH D 2 .  ? 3.525   -0.163  10.610  1.00 37.68 ? 80  HOH B O     1 
HETATM 560 O O     . HOH D 2 .  ? -5.973  -0.203  -5.688  1.00 27.83 ? 82  HOH B O     1 
HETATM 561 O O     . HOH D 2 .  ? 2.239   -2.415  8.398   1.00 16.49 ? 83  HOH B O     1 
HETATM 562 O O     . HOH D 2 .  ? -6.177  -5.350  20.794  0.50 26.80 ? 84  HOH B O     1 
HETATM 563 O O     . HOH D 2 .  ? -5.639  2.915   2.036   1.00 28.93 ? 85  HOH B O     1 
HETATM 564 O O     . HOH D 2 .  ? 4.765   -9.298  1.807   1.00 59.40 ? 87  HOH B O     1 
HETATM 565 O O     . HOH D 2 .  ? -0.187  -2.045  -7.737  0.50 29.19 ? 88  HOH B O     1 
HETATM 566 O O     . HOH D 2 .  ? -6.737  -4.641  -5.650  1.00 26.12 ? 90  HOH B O     1 
HETATM 567 O O     . HOH D 2 .  ? -5.925  13.211  4.002   1.00 51.21 ? 91  HOH B O     1 
HETATM 568 O O     . HOH D 2 .  ? -8.628  -12.122 -2.087  0.50 32.97 ? 92  HOH B O     1 
HETATM 569 O O     . HOH D 2 .  ? 11.083  -7.735  18.055  1.00 31.83 ? 93  HOH B O     1 
HETATM 570 O O     . HOH D 2 .  ? -2.623  3.646   1.742   1.00 14.21 ? 94  HOH B O     1 
HETATM 571 O O     . HOH D 2 .  ? -12.354 -12.586 -1.424  1.00 23.20 ? 95  HOH B O     1 
HETATM 572 O O     . HOH D 2 .  ? -1.876  -0.046  -7.055  1.00 25.32 ? 98  HOH B O     1 
HETATM 573 O O     . HOH D 2 .  ? -3.025  -4.170  23.211  1.00 37.11 ? 99  HOH B O     1 
HETATM 574 O O     . HOH D 2 .  ? 1.515   -1.618  -9.843  1.00 36.89 ? 101 HOH B O     1 
HETATM 575 O O     . HOH D 2 .  ? 15.013  14.140  -11.068 1.00 40.27 ? 102 HOH B O     1 
HETATM 576 O O     . HOH D 2 .  ? -2.126  -6.294  -7.268  0.50 41.61 ? 103 HOH B O     1 
HETATM 577 O O     . HOH D 2 .  ? 2.759   -5.270  -1.525  0.50 36.75 ? 104 HOH B O     1 
HETATM 578 O O     . HOH D 2 .  ? -0.312  -11.767 -4.212  1.00 37.48 ? 105 HOH B O     1 
HETATM 579 O O     . HOH D 2 .  ? -14.090 3.886   1.990   0.50 42.28 ? 116 HOH B O     1 
# 
